data_5I5M
#
_entry.id   5I5M
#
_cell.length_a   124.756
_cell.length_b   56.978
_cell.length_c   163.524
_cell.angle_alpha   90.00
_cell.angle_beta   105.58
_cell.angle_gamma   90.00
#
_symmetry.space_group_name_H-M   'C 1 2 1'
#
loop_
_entity.id
_entity.type
_entity.pdbx_description
1 polymer 'Nitrous-oxide reductase'
2 non-polymer 'CALCIUM ION'
3 non-polymer (R,R)-2,3-BUTANEDIOL
4 non-polymer 'SULFATE ION'
5 water water
#
_entity_poly.entity_id   1
_entity_poly.type   'polypeptide(L)'
_entity_poly.pdbx_seq_one_letter_code
;MSENSENKSLELQDSSRRSFMGRSALIGAGAVAAPMTAAMFASMAKAQTQTQGASAVVHPGELDEYYGFWSGGHSGEVRI
LGIPSMRELMRIPVFNIDSATGWGITNESKRIKGDSAHLMTGDSHHPHMSMTDGSYNGKYVFINDKANSRVARIRCDVMK
TDKMITIPNVQAIHGLRVQKVPYTKYVICNGEFEIPMNNDGKASLEDVSTYRSLFNVIDAEKMEVAFQVMVDGNLDNTDA
DYDGKYFFSTCYNSEMGMNLGEMITAERDHVVVFSLERCLAALKAGKFTNYNGNKVPVLDGRKGSDLTRYIPVPKSPHGI
NTAPDGKYFVANGKLSPTVSVVEIARLDDVFSGKIQPRDAIVAEPELGLGPLHTAFDNKGNAFTTLFLDSQIAKWNIQDA
IKAYNGEKVNYLRQKLDVHYQPGHNHTSQGETRDTDGKWLVVLCKFSKDRFLPVGPLRPENDQLIDISGDEMKLVHDGPT
FAEPHDCMIVHRSKVKPQKLWTRDDPMFADTVAMAKQDGVTLEMDNKVIRDGNKVRVYMTSIAPNFGMNEFKVKLGDEVT
VVVTNLDQVEDVTHGFCMTNHGVQMEVAPQATASVTFIANKPGVQWYYCNWFCHALHMEMRGRMLVEALEWSHPQFEK
;
_entity_poly.pdbx_strand_id   A,B
#
# COMPACT_ATOMS: atom_id res chain seq x y z
N SER A 55 -1.14 -15.51 25.53
CA SER A 55 -1.00 -14.02 25.41
C SER A 55 -0.64 -13.56 23.99
N ALA A 56 -1.21 -12.42 23.60
CA ALA A 56 -1.05 -11.85 22.28
C ALA A 56 -0.07 -10.67 22.24
N VAL A 57 0.56 -10.36 23.37
CA VAL A 57 1.49 -9.24 23.42
C VAL A 57 2.90 -9.70 23.03
N VAL A 58 3.48 -9.00 22.06
CA VAL A 58 4.85 -9.21 21.65
C VAL A 58 5.57 -7.90 21.98
N HIS A 59 6.32 -7.92 23.07
CA HIS A 59 7.04 -6.73 23.53
C HIS A 59 8.26 -6.43 22.68
N PRO A 60 8.80 -5.20 22.81
CA PRO A 60 10.03 -4.87 22.07
C PRO A 60 11.12 -5.87 22.42
N GLY A 61 11.78 -6.40 21.40
CA GLY A 61 12.81 -7.42 21.56
C GLY A 61 12.31 -8.85 21.65
N GLU A 62 11.00 -9.04 21.55
CA GLU A 62 10.41 -10.37 21.41
C GLU A 62 9.94 -10.51 19.96
N LEU A 63 9.88 -11.75 19.47
CA LEU A 63 9.45 -12.06 18.12
C LEU A 63 8.08 -12.71 18.10
N ASP A 64 7.35 -12.44 17.03
CA ASP A 64 6.14 -13.18 16.72
C ASP A 64 6.44 -14.68 16.54
N GLU A 65 5.41 -15.49 16.78
CA GLU A 65 5.47 -16.96 16.67
CA GLU A 65 5.50 -16.95 16.67
C GLU A 65 5.19 -17.50 15.26
N TYR A 66 4.38 -16.78 14.48
CA TYR A 66 3.99 -17.22 13.17
C TYR A 66 4.08 -16.08 12.17
N TYR A 67 4.17 -16.45 10.89
CA TYR A 67 3.92 -15.52 9.83
C TYR A 67 2.51 -15.67 9.37
N GLY A 68 1.84 -14.55 9.10
CA GLY A 68 0.57 -14.57 8.41
C GLY A 68 0.81 -14.09 6.98
N PHE A 69 0.28 -14.76 6.00
CA PHE A 69 0.31 -14.29 4.61
C PHE A 69 -1.11 -13.89 4.35
N TRP A 70 -1.28 -12.62 4.09
CA TRP A 70 -2.59 -11.97 4.06
C TRP A 70 -2.90 -11.50 2.65
N SER A 71 -4.13 -11.72 2.23
CA SER A 71 -4.66 -11.08 1.06
C SER A 71 -4.51 -9.58 1.24
N GLY A 72 -4.13 -8.88 0.16
CA GLY A 72 -4.17 -7.43 0.20
C GLY A 72 -5.48 -6.93 -0.34
N GLY A 73 -6.43 -7.83 -0.61
CA GLY A 73 -7.71 -7.43 -1.15
C GLY A 73 -7.58 -6.57 -2.38
N HIS A 74 -8.29 -5.45 -2.35
CA HIS A 74 -8.42 -4.63 -3.53
C HIS A 74 -7.11 -3.88 -3.84
N SER A 75 -6.16 -3.86 -2.93
CA SER A 75 -4.88 -3.23 -3.13
C SER A 75 -3.98 -4.03 -4.10
N GLY A 76 -4.28 -5.32 -4.26
CA GLY A 76 -3.53 -6.10 -5.22
C GLY A 76 -2.20 -6.65 -4.75
N GLU A 77 -1.85 -6.46 -3.48
CA GLU A 77 -0.58 -6.92 -2.89
C GLU A 77 -0.83 -8.13 -2.01
N VAL A 78 0.25 -8.68 -1.51
CA VAL A 78 0.19 -9.68 -0.44
C VAL A 78 0.93 -9.08 0.75
N ARG A 79 0.46 -9.30 1.98
CA ARG A 79 1.06 -8.73 3.17
C ARG A 79 1.58 -9.83 4.05
N ILE A 80 2.69 -9.60 4.68
CA ILE A 80 3.21 -10.50 5.68
C ILE A 80 2.94 -9.85 7.00
N LEU A 81 2.25 -10.57 7.89
CA LEU A 81 1.96 -10.13 9.25
C LEU A 81 2.72 -11.00 10.25
N GLY A 82 2.99 -10.45 11.41
CA GLY A 82 3.43 -11.21 12.57
C GLY A 82 2.26 -11.61 13.38
N ILE A 83 2.18 -12.88 13.76
CA ILE A 83 1.12 -13.36 14.63
C ILE A 83 1.78 -13.80 15.95
N PRO A 84 1.30 -13.41 17.14
CA PRO A 84 0.00 -12.82 17.39
C PRO A 84 -0.03 -11.27 17.50
N SER A 85 1.07 -10.58 17.22
CA SER A 85 1.07 -9.12 17.34
C SER A 85 0.13 -8.47 16.31
N MET A 86 -0.06 -9.11 15.16
CA MET A 86 -0.90 -8.63 14.08
C MET A 86 -0.31 -7.41 13.40
N ARG A 87 0.99 -7.22 13.58
CA ARG A 87 1.67 -6.12 12.92
C ARG A 87 2.05 -6.52 11.49
N GLU A 88 1.96 -5.58 10.56
CA GLU A 88 2.36 -5.83 9.16
C GLU A 88 3.88 -5.71 8.99
N LEU A 89 4.55 -6.81 8.71
CA LEU A 89 6.01 -6.82 8.60
C LEU A 89 6.48 -6.39 7.21
N MET A 90 5.72 -6.70 6.19
CA MET A 90 6.11 -6.38 4.82
C MET A 90 4.94 -6.37 3.88
N ARG A 91 5.08 -5.65 2.78
CA ARG A 91 4.14 -5.67 1.67
C ARG A 91 4.88 -6.20 0.46
N ILE A 92 4.34 -7.26 -0.13
CA ILE A 92 4.89 -7.86 -1.32
C ILE A 92 4.03 -7.41 -2.48
N PRO A 93 4.60 -6.68 -3.45
CA PRO A 93 3.82 -6.22 -4.57
C PRO A 93 3.57 -7.38 -5.55
N VAL A 94 2.36 -7.43 -6.06
CA VAL A 94 1.95 -8.48 -6.99
C VAL A 94 1.24 -7.89 -8.18
N PHE A 95 -0.02 -7.49 -8.01
CA PHE A 95 -0.86 -7.00 -9.10
C PHE A 95 -0.96 -5.49 -9.15
N ASN A 96 -0.36 -4.84 -8.15
CA ASN A 96 -0.34 -3.38 -8.00
C ASN A 96 0.93 -2.78 -8.57
N ILE A 97 0.88 -1.46 -8.76
CA ILE A 97 2.04 -0.71 -9.16
C ILE A 97 2.59 -0.11 -7.89
N ASP A 98 3.73 -0.64 -7.45
CA ASP A 98 4.25 -0.29 -6.12
C ASP A 98 5.30 0.79 -6.26
N SER A 99 4.95 2.01 -5.84
CA SER A 99 5.89 3.10 -5.88
C SER A 99 7.14 2.83 -5.05
N ALA A 100 7.03 2.08 -3.94
CA ALA A 100 8.18 1.90 -3.06
C ALA A 100 9.29 1.12 -3.69
N THR A 101 8.96 0.03 -4.38
CA THR A 101 9.96 -0.83 -4.95
C THR A 101 10.13 -0.67 -6.45
N GLY A 102 9.22 0.03 -7.09
CA GLY A 102 9.18 0.07 -8.54
C GLY A 102 8.51 -1.14 -9.17
N TRP A 103 7.94 -2.06 -8.38
CA TRP A 103 7.23 -3.22 -8.95
C TRP A 103 6.10 -2.71 -9.86
N GLY A 104 6.16 -3.12 -11.14
CA GLY A 104 5.22 -2.66 -12.15
C GLY A 104 5.79 -1.67 -13.08
N ILE A 105 6.91 -1.03 -12.71
CA ILE A 105 7.60 -0.13 -13.66
C ILE A 105 9.02 -0.59 -14.01
N THR A 106 9.68 -1.36 -13.17
CA THR A 106 11.02 -1.90 -13.51
C THR A 106 10.90 -2.91 -14.63
N ASN A 107 11.97 -3.07 -15.40
CA ASN A 107 11.97 -4.03 -16.46
C ASN A 107 11.88 -5.46 -15.98
N GLU A 108 12.42 -5.72 -14.78
CA GLU A 108 12.43 -7.07 -14.21
C GLU A 108 11.00 -7.48 -13.85
N SER A 109 10.26 -6.54 -13.27
CA SER A 109 8.89 -6.84 -12.87
C SER A 109 7.97 -6.91 -14.06
N LYS A 110 8.13 -6.02 -15.05
CA LYS A 110 7.30 -6.10 -16.25
CA LYS A 110 7.31 -6.09 -16.27
C LYS A 110 7.54 -7.39 -17.02
N ARG A 111 8.77 -7.90 -17.01
CA ARG A 111 9.04 -9.21 -17.61
C ARG A 111 8.24 -10.33 -16.94
N ILE A 112 8.22 -10.34 -15.61
CA ILE A 112 7.49 -11.33 -14.82
C ILE A 112 6.00 -11.24 -15.09
N LYS A 113 5.49 -10.02 -15.19
CA LYS A 113 4.07 -9.85 -15.48
C LYS A 113 3.67 -10.31 -16.88
N GLY A 114 4.61 -10.34 -17.83
CA GLY A 114 4.35 -10.91 -19.16
C GLY A 114 3.25 -10.17 -19.93
N ASP A 115 2.21 -10.93 -20.29
CA ASP A 115 1.08 -10.38 -21.05
C ASP A 115 0.19 -9.40 -20.27
N SER A 116 0.42 -9.25 -18.97
CA SER A 116 -0.35 -8.29 -18.16
C SER A 116 0.46 -7.10 -17.64
N ALA A 117 1.64 -6.85 -18.22
CA ALA A 117 2.49 -5.73 -17.77
C ALA A 117 1.81 -4.37 -17.93
N HIS A 118 0.80 -4.27 -18.76
CA HIS A 118 0.07 -3.01 -18.98
C HIS A 118 -1.04 -2.76 -17.96
N LEU A 119 -1.39 -3.78 -17.16
CA LEU A 119 -2.43 -3.61 -16.15
C LEU A 119 -1.85 -3.02 -14.88
N MET A 120 -2.58 -2.06 -14.32
CA MET A 120 -2.09 -1.32 -13.18
C MET A 120 -2.80 -1.70 -11.88
N THR A 121 -3.77 -2.62 -11.95
CA THR A 121 -4.57 -2.92 -10.78
C THR A 121 -4.86 -4.41 -10.68
N GLY A 122 -5.29 -4.83 -9.50
CA GLY A 122 -5.77 -6.17 -9.31
C GLY A 122 -6.41 -6.37 -7.95
N ASP A 123 -6.98 -7.54 -7.70
CA ASP A 123 -7.69 -7.79 -6.45
CA ASP A 123 -7.68 -7.78 -6.44
C ASP A 123 -7.23 -9.13 -5.93
N SER A 124 -6.27 -9.05 -5.03
CA SER A 124 -5.58 -10.22 -4.47
CA SER A 124 -5.58 -10.25 -4.54
C SER A 124 -6.50 -11.00 -3.57
N HIS A 125 -6.79 -12.25 -3.92
CA HIS A 125 -7.76 -13.04 -3.16
C HIS A 125 -7.17 -13.99 -2.12
N HIS A 126 -6.77 -15.21 -2.52
CA HIS A 126 -6.48 -16.29 -1.58
C HIS A 126 -5.01 -16.65 -1.65
N PRO A 127 -4.20 -16.22 -0.68
CA PRO A 127 -2.78 -16.56 -0.63
C PRO A 127 -2.51 -17.84 0.07
N HIS A 128 -1.92 -18.84 -0.60
CA HIS A 128 -1.66 -20.10 0.10
CA HIS A 128 -1.66 -20.13 0.07
C HIS A 128 -0.29 -20.66 -0.23
N MET A 129 0.33 -21.24 0.82
CA MET A 129 1.70 -21.70 0.78
C MET A 129 1.78 -23.16 0.42
N SER A 130 2.82 -23.49 -0.32
CA SER A 130 3.11 -24.87 -0.70
C SER A 130 3.37 -25.76 0.49
N MET A 131 3.00 -27.02 0.30
CA MET A 131 3.05 -28.05 1.36
C MET A 131 3.81 -29.30 0.87
N THR A 132 4.35 -29.99 1.86
CA THR A 132 4.85 -31.34 1.70
C THR A 132 4.15 -32.18 2.76
N ASP A 133 3.51 -33.27 2.34
CA ASP A 133 2.91 -34.19 3.33
CA ASP A 133 2.74 -34.19 3.19
C ASP A 133 1.82 -33.47 4.17
N GLY A 134 1.10 -32.50 3.63
CA GLY A 134 0.11 -31.78 4.44
C GLY A 134 0.64 -30.81 5.46
N SER A 135 1.91 -30.44 5.34
CA SER A 135 2.54 -29.45 6.21
CA SER A 135 2.55 -29.45 6.21
C SER A 135 3.18 -28.38 5.33
N TYR A 136 3.17 -27.13 5.77
CA TYR A 136 3.78 -26.07 4.93
C TYR A 136 5.29 -26.31 4.77
N ASN A 137 5.80 -26.09 3.58
CA ASN A 137 7.23 -26.24 3.33
C ASN A 137 8.01 -24.94 3.11
N GLY A 138 7.32 -23.81 3.15
CA GLY A 138 8.01 -22.49 3.05
C GLY A 138 8.55 -22.10 1.69
N LYS A 139 8.27 -22.85 0.62
CA LYS A 139 8.91 -22.54 -0.65
C LYS A 139 8.19 -21.40 -1.39
N TYR A 140 6.88 -21.51 -1.55
CA TYR A 140 6.12 -20.58 -2.35
C TYR A 140 4.84 -20.17 -1.63
N VAL A 141 4.38 -18.97 -1.98
CA VAL A 141 3.00 -18.59 -1.74
C VAL A 141 2.39 -18.26 -3.08
N PHE A 142 1.24 -18.89 -3.36
CA PHE A 142 0.48 -18.61 -4.56
C PHE A 142 -0.68 -17.67 -4.22
N ILE A 143 -1.04 -16.83 -5.16
CA ILE A 143 -2.08 -15.80 -4.97
C ILE A 143 -2.76 -15.51 -6.28
N ASN A 144 -4.09 -15.44 -6.26
CA ASN A 144 -4.85 -15.10 -7.47
C ASN A 144 -5.34 -13.64 -7.47
N ASP A 145 -5.49 -13.12 -8.67
CA ASP A 145 -6.12 -11.83 -8.96
C ASP A 145 -7.48 -12.15 -9.57
N LYS A 146 -8.53 -11.89 -8.83
CA LYS A 146 -9.89 -12.11 -9.32
C LYS A 146 -10.15 -11.17 -10.49
N ALA A 147 -9.74 -9.93 -10.30
CA ALA A 147 -10.13 -8.84 -11.21
C ALA A 147 -9.68 -9.08 -12.63
N ASN A 148 -8.51 -9.69 -12.82
CA ASN A 148 -7.93 -9.87 -14.20
C ASN A 148 -7.51 -11.29 -14.48
N SER A 149 -8.05 -12.23 -13.67
CA SER A 149 -7.94 -13.65 -13.94
C SER A 149 -6.48 -14.11 -14.03
N ARG A 150 -5.68 -13.68 -13.09
CA ARG A 150 -4.28 -14.09 -13.03
C ARG A 150 -3.99 -14.93 -11.81
N VAL A 151 -2.91 -15.72 -11.90
CA VAL A 151 -2.32 -16.41 -10.70
C VAL A 151 -0.84 -16.06 -10.71
N ALA A 152 -0.33 -15.71 -9.54
CA ALA A 152 1.07 -15.40 -9.35
C ALA A 152 1.64 -16.31 -8.27
N ARG A 153 2.96 -16.46 -8.34
CA ARG A 153 3.73 -17.22 -7.39
C ARG A 153 4.76 -16.27 -6.74
N ILE A 154 4.82 -16.35 -5.41
CA ILE A 154 5.81 -15.61 -4.61
C ILE A 154 6.85 -16.61 -4.15
N ARG A 155 8.12 -16.26 -4.35
CA ARG A 155 9.22 -17.06 -3.79
C ARG A 155 9.44 -16.63 -2.36
N CYS A 156 9.39 -17.55 -1.40
CA CYS A 156 9.60 -17.16 0.00
C CYS A 156 11.06 -16.92 0.38
N ASP A 157 12.01 -17.38 -0.44
CA ASP A 157 13.41 -17.08 -0.13
C ASP A 157 13.70 -15.58 -0.19
N VAL A 158 13.14 -14.90 -1.20
CA VAL A 158 13.33 -13.46 -1.40
C VAL A 158 12.06 -12.64 -1.15
N MET A 159 10.90 -13.30 -0.90
CA MET A 159 9.59 -12.66 -0.66
C MET A 159 9.26 -11.66 -1.78
N LYS A 160 9.39 -12.15 -3.02
CA LYS A 160 8.98 -11.41 -4.20
C LYS A 160 8.25 -12.34 -5.18
N THR A 161 7.36 -11.77 -5.96
CA THR A 161 6.66 -12.50 -7.00
C THR A 161 7.65 -12.89 -8.11
N ASP A 162 7.72 -14.16 -8.46
CA ASP A 162 8.63 -14.62 -9.52
C ASP A 162 7.96 -15.09 -10.79
N LYS A 163 6.66 -15.41 -10.74
CA LYS A 163 5.92 -15.88 -11.91
C LYS A 163 4.53 -15.32 -11.83
N MET A 164 3.97 -15.03 -13.00
CA MET A 164 2.58 -14.58 -13.12
C MET A 164 2.04 -15.04 -14.44
N ILE A 165 0.82 -15.60 -14.43
CA ILE A 165 0.17 -16.07 -15.65
C ILE A 165 -1.27 -15.58 -15.69
N THR A 166 -1.76 -15.31 -16.89
CA THR A 166 -3.17 -15.06 -17.11
C THR A 166 -3.83 -16.39 -17.47
N ILE A 167 -4.88 -16.74 -16.75
CA ILE A 167 -5.55 -18.01 -17.03
C ILE A 167 -6.50 -17.82 -18.21
N PRO A 168 -6.33 -18.61 -19.28
CA PRO A 168 -7.15 -18.41 -20.46
C PRO A 168 -8.53 -19.03 -20.31
N ASN A 169 -9.46 -18.56 -21.14
CA ASN A 169 -10.77 -19.22 -21.32
C ASN A 169 -11.72 -18.90 -20.13
N VAL A 170 -11.30 -18.07 -19.20
CA VAL A 170 -12.08 -17.80 -17.98
C VAL A 170 -12.21 -16.32 -17.69
N GLN A 171 -13.09 -15.99 -16.74
CA GLN A 171 -13.22 -14.63 -16.17
C GLN A 171 -13.47 -14.73 -14.68
N ALA A 172 -12.57 -14.12 -13.91
CA ALA A 172 -12.67 -13.93 -12.49
C ALA A 172 -12.26 -15.16 -11.72
N ILE A 173 -11.00 -15.24 -11.37
CA ILE A 173 -10.54 -16.35 -10.55
CA ILE A 173 -10.53 -16.34 -10.56
C ILE A 173 -10.83 -16.03 -9.09
N HIS A 174 -11.71 -16.81 -8.46
CA HIS A 174 -12.04 -16.57 -7.03
C HIS A 174 -11.28 -17.50 -6.07
N GLY A 175 -11.74 -18.70 -5.93
CA GLY A 175 -11.12 -19.58 -4.94
C GLY A 175 -9.78 -20.05 -5.44
N LEU A 176 -8.80 -20.08 -4.56
CA LEU A 176 -7.49 -20.71 -4.84
C LEU A 176 -7.05 -21.43 -3.59
N ARG A 177 -6.57 -22.67 -3.77
CA ARG A 177 -5.92 -23.42 -2.72
C ARG A 177 -4.82 -24.29 -3.34
N VAL A 178 -4.08 -25.00 -2.45
CA VAL A 178 -2.99 -25.84 -2.88
C VAL A 178 -3.33 -27.29 -2.66
N GLN A 179 -2.84 -28.16 -3.50
CA GLN A 179 -2.81 -29.59 -3.18
C GLN A 179 -1.93 -29.74 -1.95
N LYS A 180 -2.39 -30.60 -1.04
CA LYS A 180 -1.74 -30.82 0.24
C LYS A 180 -0.80 -32.03 0.23
N VAL A 181 -1.24 -33.09 -0.44
CA VAL A 181 -0.62 -34.42 -0.36
C VAL A 181 -0.54 -34.97 -1.75
N PRO A 182 0.59 -35.59 -2.14
CA PRO A 182 1.78 -35.83 -1.28
C PRO A 182 2.60 -34.54 -1.09
N TYR A 183 2.38 -33.56 -1.97
CA TYR A 183 2.92 -32.21 -1.86
C TYR A 183 2.13 -31.32 -2.82
N THR A 184 2.47 -30.05 -2.83
CA THR A 184 1.83 -29.13 -3.78
C THR A 184 2.35 -29.35 -5.19
N LYS A 185 1.87 -30.41 -5.82
CA LYS A 185 2.15 -30.63 -7.23
C LYS A 185 1.32 -29.64 -8.02
N TYR A 186 0.05 -29.50 -7.64
CA TYR A 186 -0.87 -28.60 -8.29
C TYR A 186 -1.40 -27.52 -7.38
N VAL A 187 -1.69 -26.39 -7.99
CA VAL A 187 -2.49 -25.29 -7.37
C VAL A 187 -3.83 -25.34 -8.10
N ILE A 188 -4.89 -25.16 -7.34
CA ILE A 188 -6.26 -25.28 -7.87
C ILE A 188 -6.98 -23.95 -7.69
N CYS A 189 -7.75 -23.57 -8.70
CA CYS A 189 -8.50 -22.32 -8.62
C CYS A 189 -9.70 -22.31 -9.53
N ASN A 190 -10.67 -21.48 -9.17
CA ASN A 190 -11.99 -21.46 -9.85
C ASN A 190 -12.26 -20.23 -10.70
N GLY A 191 -12.76 -20.42 -11.92
CA GLY A 191 -13.37 -19.31 -12.66
C GLY A 191 -14.77 -19.05 -12.14
N GLU A 192 -15.03 -17.87 -11.63
CA GLU A 192 -16.33 -17.56 -11.01
C GLU A 192 -17.39 -17.14 -11.97
N PHE A 193 -17.01 -16.45 -13.06
CA PHE A 193 -18.03 -15.93 -13.98
C PHE A 193 -18.19 -16.86 -15.19
N GLU A 194 -19.28 -16.65 -15.90
CA GLU A 194 -19.75 -17.56 -16.90
C GLU A 194 -19.62 -16.88 -18.27
N ILE A 195 -18.82 -17.44 -19.17
CA ILE A 195 -18.60 -16.83 -20.48
C ILE A 195 -18.52 -17.89 -21.56
N PRO A 196 -18.77 -17.51 -22.81
CA PRO A 196 -18.56 -18.46 -23.93
C PRO A 196 -17.14 -18.93 -24.01
N MET A 197 -16.94 -20.18 -24.42
CA MET A 197 -15.59 -20.64 -24.80
C MET A 197 -15.07 -19.97 -26.07
N ASN A 198 -15.95 -19.66 -27.01
CA ASN A 198 -15.64 -18.78 -28.14
C ASN A 198 -16.28 -17.42 -27.87
N ASN A 199 -15.59 -16.61 -27.06
CA ASN A 199 -16.13 -15.32 -26.62
C ASN A 199 -15.75 -14.20 -27.58
N ASP A 200 -16.24 -14.34 -28.80
CA ASP A 200 -15.80 -13.49 -29.91
C ASP A 200 -16.71 -12.31 -30.22
N GLY A 201 -17.76 -12.11 -29.44
CA GLY A 201 -18.69 -11.00 -29.66
C GLY A 201 -19.64 -11.19 -30.82
N LYS A 202 -19.81 -12.43 -31.26
CA LYS A 202 -20.69 -12.73 -32.39
C LYS A 202 -21.88 -13.51 -31.84
N ALA A 203 -22.22 -14.67 -32.39
CA ALA A 203 -23.45 -15.33 -32.07
C ALA A 203 -23.52 -15.78 -30.58
N SER A 204 -22.37 -16.05 -29.95
CA SER A 204 -22.38 -16.47 -28.55
C SER A 204 -22.66 -15.34 -27.57
N LEU A 205 -22.51 -14.10 -28.03
CA LEU A 205 -22.54 -12.93 -27.12
C LEU A 205 -23.67 -12.93 -26.11
N GLU A 206 -24.91 -13.13 -26.58
CA GLU A 206 -26.11 -13.07 -25.73
C GLU A 206 -26.74 -14.44 -25.54
N ASP A 207 -26.05 -15.48 -25.99
CA ASP A 207 -26.55 -16.85 -25.91
C ASP A 207 -26.02 -17.53 -24.65
N VAL A 208 -26.79 -17.42 -23.58
CA VAL A 208 -26.36 -17.91 -22.27
C VAL A 208 -26.09 -19.41 -22.26
N SER A 209 -26.74 -20.18 -23.14
CA SER A 209 -26.52 -21.60 -23.21
C SER A 209 -25.08 -21.96 -23.62
N THR A 210 -24.34 -20.99 -24.16
CA THR A 210 -22.90 -21.19 -24.49
C THR A 210 -21.97 -20.84 -23.32
N TYR A 211 -22.49 -20.21 -22.28
CA TYR A 211 -21.62 -19.71 -21.22
C TYR A 211 -21.14 -20.86 -20.32
N ARG A 212 -19.90 -20.77 -19.88
CA ARG A 212 -19.29 -21.81 -19.03
C ARG A 212 -18.36 -21.24 -18.04
N SER A 213 -18.20 -21.95 -16.90
CA SER A 213 -17.15 -21.73 -15.96
C SER A 213 -16.21 -22.93 -15.97
N LEU A 214 -14.93 -22.66 -15.69
CA LEU A 214 -13.89 -23.69 -15.68
C LEU A 214 -13.16 -23.75 -14.35
N PHE A 215 -12.86 -24.99 -13.92
CA PHE A 215 -11.94 -25.26 -12.81
C PHE A 215 -10.55 -25.41 -13.40
N ASN A 216 -9.57 -24.83 -12.71
CA ASN A 216 -8.22 -24.69 -13.25
C ASN A 216 -7.19 -25.41 -12.37
N VAL A 217 -6.40 -26.29 -12.98
CA VAL A 217 -5.36 -27.05 -12.27
C VAL A 217 -4.02 -26.61 -12.80
N ILE A 218 -3.22 -25.97 -11.95
CA ILE A 218 -1.94 -25.35 -12.36
C ILE A 218 -0.79 -26.17 -11.84
N ASP A 219 0.20 -26.49 -12.67
CA ASP A 219 1.41 -27.13 -12.18
C ASP A 219 2.21 -26.09 -11.39
N ALA A 220 2.35 -26.33 -10.10
CA ALA A 220 2.92 -25.35 -9.18
C ALA A 220 4.34 -25.01 -9.43
N GLU A 221 5.15 -26.02 -9.73
CA GLU A 221 6.58 -25.81 -10.03
C GLU A 221 6.83 -25.18 -11.39
N LYS A 222 6.07 -25.57 -12.40
CA LYS A 222 6.19 -24.96 -13.76
C LYS A 222 5.52 -23.60 -13.83
N MET A 223 4.47 -23.35 -13.04
CA MET A 223 3.59 -22.17 -13.25
C MET A 223 3.04 -22.13 -14.65
N GLU A 224 2.45 -23.27 -15.02
CA GLU A 224 1.70 -23.40 -16.26
C GLU A 224 0.40 -24.12 -15.96
N VAL A 225 -0.67 -23.75 -16.64
CA VAL A 225 -1.94 -24.47 -16.52
C VAL A 225 -1.74 -25.90 -17.01
N ALA A 226 -1.96 -26.87 -16.13
CA ALA A 226 -1.90 -28.27 -16.53
C ALA A 226 -3.15 -28.71 -17.29
N PHE A 227 -4.31 -28.37 -16.76
CA PHE A 227 -5.58 -28.64 -17.43
C PHE A 227 -6.69 -27.83 -16.79
N GLN A 228 -7.81 -27.73 -17.51
CA GLN A 228 -9.02 -27.13 -17.03
C GLN A 228 -10.15 -28.14 -17.11
N VAL A 229 -11.15 -27.97 -16.22
CA VAL A 229 -12.34 -28.82 -16.26
C VAL A 229 -13.58 -27.96 -16.39
N MET A 230 -14.30 -28.15 -17.49
CA MET A 230 -15.56 -27.46 -17.72
C MET A 230 -16.63 -28.09 -16.81
N VAL A 231 -17.41 -27.24 -16.15
CA VAL A 231 -18.50 -27.69 -15.28
C VAL A 231 -19.82 -27.13 -15.70
N ASP A 232 -20.87 -27.65 -15.08
CA ASP A 232 -22.18 -27.01 -15.14
C ASP A 232 -22.27 -26.08 -13.93
N GLY A 233 -22.84 -24.90 -14.08
CA GLY A 233 -22.92 -23.91 -13.00
C GLY A 233 -21.62 -23.11 -12.93
N ASN A 234 -21.52 -22.19 -11.99
CA ASN A 234 -20.27 -21.46 -11.79
C ASN A 234 -19.48 -22.09 -10.66
N LEU A 235 -18.39 -21.43 -10.25
CA LEU A 235 -17.53 -21.92 -9.19
C LEU A 235 -17.19 -20.77 -8.28
N ASP A 236 -17.04 -21.06 -7.00
CA ASP A 236 -16.78 -20.02 -6.00
C ASP A 236 -15.49 -20.34 -5.24
N ASN A 237 -15.55 -21.11 -4.14
CA ASN A 237 -14.35 -21.50 -3.37
C ASN A 237 -13.95 -22.92 -3.65
N THR A 238 -12.72 -23.26 -3.27
CA THR A 238 -12.18 -24.57 -3.55
C THR A 238 -11.30 -25.08 -2.40
N ASP A 239 -11.14 -26.39 -2.33
CA ASP A 239 -10.17 -27.00 -1.43
C ASP A 239 -9.77 -28.39 -1.94
N ALA A 240 -8.79 -28.95 -1.23
CA ALA A 240 -8.18 -30.23 -1.56
C ALA A 240 -8.26 -31.12 -0.36
N ASP A 241 -8.23 -32.42 -0.63
CA ASP A 241 -8.17 -33.44 0.42
C ASP A 241 -6.76 -33.60 0.99
N TYR A 242 -6.56 -34.57 1.89
CA TYR A 242 -5.23 -34.91 2.42
C TYR A 242 -4.75 -36.25 1.86
N ASP A 243 -5.18 -36.60 0.66
CA ASP A 243 -4.80 -37.89 0.02
C ASP A 243 -4.26 -37.71 -1.39
N GLY A 244 -4.38 -36.53 -1.98
CA GLY A 244 -4.05 -36.34 -3.37
C GLY A 244 -4.97 -37.04 -4.35
N LYS A 245 -6.21 -37.22 -3.97
CA LYS A 245 -7.22 -37.87 -4.82
C LYS A 245 -8.30 -36.92 -5.35
N TYR A 246 -8.79 -36.04 -4.49
CA TYR A 246 -9.92 -35.19 -4.83
C TYR A 246 -9.68 -33.73 -4.53
N PHE A 247 -10.28 -32.90 -5.37
CA PHE A 247 -10.44 -31.48 -5.14
C PHE A 247 -11.94 -31.20 -5.18
N PHE A 248 -12.35 -30.08 -4.65
CA PHE A 248 -13.79 -29.80 -4.60
C PHE A 248 -14.10 -28.33 -4.50
N SER A 249 -15.19 -27.93 -5.15
CA SER A 249 -15.52 -26.50 -5.24
C SER A 249 -16.98 -26.27 -4.99
N THR A 250 -17.30 -25.15 -4.38
CA THR A 250 -18.67 -24.70 -4.32
C THR A 250 -19.11 -24.00 -5.60
N CYS A 251 -20.44 -24.01 -5.78
CA CYS A 251 -21.11 -23.31 -6.89
C CYS A 251 -22.29 -22.54 -6.31
N TYR A 252 -22.41 -21.24 -6.59
CA TYR A 252 -23.63 -20.50 -6.16
C TYR A 252 -24.61 -20.27 -7.28
N ASN A 253 -24.15 -20.33 -8.53
CA ASN A 253 -24.98 -20.12 -9.70
C ASN A 253 -25.17 -21.40 -10.51
N SER A 254 -25.76 -22.43 -9.93
CA SER A 254 -26.12 -23.65 -10.65
C SER A 254 -27.23 -23.37 -11.66
N GLU A 255 -27.95 -22.28 -11.43
CA GLU A 255 -29.04 -21.81 -12.29
C GLU A 255 -28.57 -21.21 -13.62
N MET A 256 -27.29 -20.82 -13.70
CA MET A 256 -26.77 -20.04 -14.80
C MET A 256 -27.62 -18.80 -14.96
N GLY A 257 -27.97 -18.20 -13.84
CA GLY A 257 -28.70 -16.94 -13.87
C GLY A 257 -27.85 -15.77 -14.26
N MET A 258 -28.47 -14.77 -14.88
CA MET A 258 -27.77 -13.57 -15.33
C MET A 258 -28.13 -12.36 -14.52
N ASN A 259 -28.85 -12.58 -13.43
CA ASN A 259 -29.15 -11.51 -12.48
C ASN A 259 -29.35 -12.09 -11.11
N LEU A 260 -29.37 -11.26 -10.09
CA LEU A 260 -29.44 -11.74 -8.70
CA LEU A 260 -29.40 -11.79 -8.74
C LEU A 260 -30.57 -12.74 -8.46
N GLY A 261 -31.78 -12.33 -8.83
CA GLY A 261 -32.94 -13.13 -8.64
C GLY A 261 -32.78 -14.51 -9.20
N GLU A 262 -32.22 -14.61 -10.40
CA GLU A 262 -32.05 -15.89 -11.05
C GLU A 262 -30.97 -16.74 -10.37
N MET A 263 -29.95 -16.12 -9.81
CA MET A 263 -28.88 -16.85 -9.11
C MET A 263 -29.24 -17.41 -7.75
N ILE A 264 -30.35 -16.95 -7.19
CA ILE A 264 -30.77 -17.38 -5.84
C ILE A 264 -32.08 -18.18 -5.87
N THR A 265 -32.54 -18.60 -7.03
CA THR A 265 -33.81 -19.35 -7.12
CA THR A 265 -33.79 -19.33 -7.14
C THR A 265 -33.70 -20.79 -6.62
N ALA A 266 -32.58 -21.47 -6.89
CA ALA A 266 -32.45 -22.88 -6.49
C ALA A 266 -32.33 -23.02 -4.97
N GLU A 267 -33.09 -23.92 -4.36
CA GLU A 267 -32.96 -24.24 -2.93
CA GLU A 267 -32.94 -24.20 -2.93
C GLU A 267 -31.61 -24.90 -2.60
N ARG A 268 -31.12 -25.70 -3.54
CA ARG A 268 -29.79 -26.28 -3.45
C ARG A 268 -29.00 -25.99 -4.74
N ASP A 269 -27.78 -25.50 -4.59
CA ASP A 269 -26.81 -25.51 -5.68
C ASP A 269 -25.98 -26.76 -5.44
N HIS A 270 -24.66 -26.71 -5.51
CA HIS A 270 -23.88 -27.96 -5.32
C HIS A 270 -22.44 -27.66 -4.98
N VAL A 271 -21.79 -28.73 -4.55
CA VAL A 271 -20.35 -28.85 -4.51
C VAL A 271 -20.00 -29.78 -5.65
N VAL A 272 -19.04 -29.39 -6.51
CA VAL A 272 -18.51 -30.27 -7.56
C VAL A 272 -17.19 -30.84 -7.06
N VAL A 273 -17.09 -32.16 -7.12
CA VAL A 273 -15.92 -32.91 -6.72
C VAL A 273 -15.19 -33.38 -7.99
N PHE A 274 -13.87 -33.18 -8.04
CA PHE A 274 -13.03 -33.54 -9.21
C PHE A 274 -12.15 -34.70 -8.82
N SER A 275 -12.20 -35.78 -9.59
CA SER A 275 -11.30 -36.92 -9.40
C SER A 275 -10.00 -36.67 -10.14
N LEU A 276 -8.90 -36.42 -9.44
CA LEU A 276 -7.63 -36.19 -10.11
C LEU A 276 -7.17 -37.36 -10.95
N GLU A 277 -7.27 -38.57 -10.42
CA GLU A 277 -6.88 -39.77 -11.17
C GLU A 277 -7.67 -39.91 -12.47
N ARG A 278 -8.98 -39.71 -12.43
CA ARG A 278 -9.76 -39.78 -13.68
C ARG A 278 -9.44 -38.67 -14.64
N CYS A 279 -9.19 -37.46 -14.13
CA CYS A 279 -8.81 -36.38 -15.05
C CYS A 279 -7.48 -36.67 -15.74
N LEU A 280 -6.50 -37.11 -14.98
CA LEU A 280 -5.20 -37.44 -15.59
C LEU A 280 -5.35 -38.54 -16.64
N ALA A 281 -6.14 -39.58 -16.33
CA ALA A 281 -6.41 -40.63 -17.29
C ALA A 281 -7.07 -40.11 -18.59
N ALA A 282 -8.03 -39.21 -18.47
CA ALA A 282 -8.70 -38.63 -19.63
C ALA A 282 -7.74 -37.81 -20.47
N LEU A 283 -6.90 -37.03 -19.81
CA LEU A 283 -5.89 -36.25 -20.54
C LEU A 283 -4.95 -37.14 -21.33
N LYS A 284 -4.46 -38.20 -20.69
CA LYS A 284 -3.53 -39.13 -21.35
C LYS A 284 -4.22 -39.86 -22.50
N ALA A 285 -5.52 -40.08 -22.40
CA ALA A 285 -6.31 -40.67 -23.52
C ALA A 285 -6.68 -39.70 -24.65
N GLY A 286 -6.29 -38.43 -24.50
CA GLY A 286 -6.60 -37.44 -25.49
C GLY A 286 -8.02 -36.93 -25.42
N LYS A 287 -8.72 -37.14 -24.30
CA LYS A 287 -10.12 -36.73 -24.20
C LYS A 287 -10.24 -35.31 -23.69
N PHE A 288 -9.79 -34.37 -24.51
CA PHE A 288 -9.78 -32.95 -24.17
C PHE A 288 -10.01 -32.13 -25.44
N THR A 289 -10.39 -30.88 -25.23
CA THR A 289 -10.51 -29.89 -26.30
C THR A 289 -9.62 -28.69 -26.01
N ASN A 290 -9.18 -28.00 -27.06
CA ASN A 290 -8.48 -26.71 -26.94
C ASN A 290 -9.39 -25.62 -27.47
N TYR A 291 -9.34 -24.45 -26.84
CA TYR A 291 -10.13 -23.30 -27.25
C TYR A 291 -9.23 -22.08 -27.43
N ASN A 292 -9.77 -21.07 -28.12
CA ASN A 292 -9.14 -19.74 -28.20
C ASN A 292 -7.70 -19.71 -28.73
N GLY A 293 -7.35 -20.70 -29.55
CA GLY A 293 -6.00 -20.80 -30.11
C GLY A 293 -4.86 -21.07 -29.14
N ASN A 294 -5.19 -21.53 -27.92
CA ASN A 294 -4.17 -21.84 -26.94
C ASN A 294 -4.11 -23.36 -26.82
N LYS A 295 -3.15 -23.85 -26.05
CA LYS A 295 -2.88 -25.28 -25.99
C LYS A 295 -3.27 -25.91 -24.64
N VAL A 296 -4.11 -25.22 -23.89
CA VAL A 296 -4.52 -25.73 -22.59
C VAL A 296 -5.60 -26.79 -22.81
N PRO A 297 -5.38 -27.99 -22.28
CA PRO A 297 -6.40 -29.02 -22.49
C PRO A 297 -7.60 -28.82 -21.54
N VAL A 298 -8.81 -28.82 -22.11
CA VAL A 298 -10.05 -28.63 -21.34
C VAL A 298 -10.80 -29.94 -21.35
N LEU A 299 -11.05 -30.46 -20.14
CA LEU A 299 -11.80 -31.72 -19.94
C LEU A 299 -13.25 -31.41 -19.71
N ASP A 300 -14.13 -32.35 -20.10
CA ASP A 300 -15.56 -32.19 -19.87
C ASP A 300 -15.99 -32.77 -18.54
N GLY A 301 -16.25 -31.90 -17.55
CA GLY A 301 -16.72 -32.28 -16.22
C GLY A 301 -18.16 -31.86 -15.99
N ARG A 302 -18.92 -31.60 -17.05
CA ARG A 302 -20.35 -31.30 -16.88
C ARG A 302 -21.11 -32.49 -16.28
N LYS A 303 -22.30 -32.22 -15.73
CA LYS A 303 -23.10 -33.27 -15.13
C LYS A 303 -23.26 -34.48 -16.04
N GLY A 304 -22.94 -35.65 -15.49
CA GLY A 304 -22.92 -36.90 -16.23
C GLY A 304 -21.53 -37.37 -16.62
N SER A 305 -20.54 -36.48 -16.58
CA SER A 305 -19.14 -36.88 -16.79
C SER A 305 -18.67 -37.89 -15.74
N ASP A 306 -17.76 -38.74 -16.12
CA ASP A 306 -17.07 -39.63 -15.19
C ASP A 306 -16.05 -38.88 -14.33
N LEU A 307 -15.70 -37.64 -14.68
CA LEU A 307 -14.59 -36.93 -14.01
C LEU A 307 -15.01 -36.21 -12.75
N THR A 308 -16.30 -35.93 -12.64
CA THR A 308 -16.84 -35.09 -11.57
C THR A 308 -18.12 -35.68 -10.99
N ARG A 309 -18.43 -35.29 -9.75
CA ARG A 309 -19.69 -35.61 -9.10
C ARG A 309 -20.21 -34.38 -8.42
N TYR A 310 -21.52 -34.24 -8.46
CA TYR A 310 -22.21 -33.03 -8.04
C TYR A 310 -23.05 -33.35 -6.82
N ILE A 311 -22.68 -32.81 -5.68
CA ILE A 311 -23.36 -33.05 -4.37
C ILE A 311 -24.28 -31.86 -4.10
N PRO A 312 -25.61 -32.05 -4.05
CA PRO A 312 -26.51 -30.92 -3.73
C PRO A 312 -26.24 -30.31 -2.37
N VAL A 313 -26.13 -28.99 -2.32
CA VAL A 313 -25.85 -28.24 -1.10
C VAL A 313 -26.65 -26.93 -1.09
N PRO A 314 -27.41 -26.68 -0.02
CA PRO A 314 -28.14 -25.40 0.12
C PRO A 314 -27.20 -24.34 0.70
N LYS A 315 -27.29 -23.08 0.32
CA LYS A 315 -28.11 -22.50 -0.75
C LYS A 315 -27.26 -21.33 -1.23
N SER A 316 -26.79 -21.40 -2.48
CA SER A 316 -25.75 -20.48 -2.94
C SER A 316 -24.54 -20.51 -2.01
N PRO A 317 -24.02 -21.70 -1.73
CA PRO A 317 -22.93 -21.86 -0.74
C PRO A 317 -21.66 -21.17 -1.14
N HIS A 318 -20.81 -20.87 -0.17
CA HIS A 318 -19.62 -20.08 -0.36
C HIS A 318 -18.36 -20.87 0.05
N GLY A 319 -17.94 -20.83 1.30
CA GLY A 319 -16.68 -21.47 1.71
C GLY A 319 -16.75 -22.97 1.56
N ILE A 320 -15.60 -23.58 1.31
CA ILE A 320 -15.45 -25.04 1.38
C ILE A 320 -14.10 -25.33 1.97
N ASN A 321 -14.11 -26.10 3.07
CA ASN A 321 -12.97 -26.18 3.94
C ASN A 321 -12.72 -27.62 4.38
N THR A 322 -11.51 -28.10 4.10
CA THR A 322 -11.11 -29.45 4.54
C THR A 322 -10.65 -29.51 6.01
N ALA A 323 -11.19 -30.46 6.75
CA ALA A 323 -10.79 -30.66 8.14
C ALA A 323 -9.35 -31.23 8.22
N PRO A 324 -8.59 -30.87 9.28
CA PRO A 324 -7.17 -31.23 9.33
C PRO A 324 -6.84 -32.70 9.50
N ASP A 325 -7.81 -33.51 9.90
CA ASP A 325 -7.62 -34.98 9.88
C ASP A 325 -7.89 -35.59 8.51
N GLY A 326 -8.27 -34.77 7.53
CA GLY A 326 -8.56 -35.27 6.21
C GLY A 326 -9.87 -36.04 6.08
N LYS A 327 -10.67 -36.09 7.15
CA LYS A 327 -11.83 -36.96 7.16
C LYS A 327 -13.07 -36.31 6.54
N TYR A 328 -13.14 -34.98 6.59
CA TYR A 328 -14.33 -34.26 6.14
C TYR A 328 -13.98 -32.98 5.44
N PHE A 329 -14.90 -32.50 4.63
CA PHE A 329 -14.91 -31.08 4.27
C PHE A 329 -16.24 -30.48 4.65
N VAL A 330 -16.26 -29.16 4.84
CA VAL A 330 -17.46 -28.44 5.20
C VAL A 330 -17.76 -27.38 4.15
N ALA A 331 -18.94 -27.43 3.56
CA ALA A 331 -19.38 -26.41 2.60
C ALA A 331 -20.34 -25.51 3.36
N ASN A 332 -20.20 -24.21 3.20
CA ASN A 332 -20.88 -23.20 4.02
C ASN A 332 -22.09 -22.65 3.34
N GLY A 333 -23.24 -22.70 4.04
CA GLY A 333 -24.55 -22.54 3.39
C GLY A 333 -24.99 -21.18 2.86
N LYS A 334 -24.39 -20.09 3.34
CA LYS A 334 -24.73 -18.70 2.95
C LYS A 334 -26.20 -18.39 3.08
N LEU A 335 -27.01 -18.62 2.03
CA LEU A 335 -28.45 -18.30 2.12
C LEU A 335 -29.22 -19.32 2.93
N SER A 336 -28.65 -20.50 3.14
CA SER A 336 -29.15 -21.49 4.07
C SER A 336 -28.38 -21.34 5.37
N PRO A 337 -29.04 -21.41 6.55
CA PRO A 337 -28.36 -21.18 7.82
C PRO A 337 -27.66 -22.42 8.33
N THR A 338 -27.01 -23.14 7.41
CA THR A 338 -26.46 -24.45 7.69
C THR A 338 -25.09 -24.51 7.12
N VAL A 339 -24.38 -25.55 7.47
CA VAL A 339 -23.24 -26.02 6.68
C VAL A 339 -23.50 -27.50 6.32
N SER A 340 -22.83 -27.99 5.28
CA SER A 340 -23.02 -29.39 4.84
C SER A 340 -21.66 -30.07 5.00
N VAL A 341 -21.64 -31.17 5.74
CA VAL A 341 -20.41 -31.90 6.09
C VAL A 341 -20.33 -33.16 5.26
N VAL A 342 -19.27 -33.28 4.45
CA VAL A 342 -19.06 -34.42 3.59
C VAL A 342 -17.95 -35.29 4.16
N GLU A 343 -18.19 -36.60 4.17
CA GLU A 343 -17.16 -37.54 4.61
C GLU A 343 -16.32 -37.91 3.38
N ILE A 344 -15.05 -37.51 3.39
CA ILE A 344 -14.16 -37.67 2.24
C ILE A 344 -13.99 -39.14 1.82
N ALA A 345 -13.98 -40.04 2.80
CA ALA A 345 -13.78 -41.48 2.50
C ALA A 345 -14.93 -42.06 1.70
N ARG A 346 -16.07 -41.38 1.67
CA ARG A 346 -17.22 -41.80 0.84
C ARG A 346 -17.09 -41.46 -0.63
N LEU A 347 -16.13 -40.59 -0.96
CA LEU A 347 -16.08 -40.07 -2.33
C LEU A 347 -15.78 -41.15 -3.38
N ASP A 348 -14.90 -42.10 -3.09
CA ASP A 348 -14.68 -43.20 -4.03
C ASP A 348 -15.99 -43.91 -4.39
N ASP A 349 -16.85 -44.13 -3.39
CA ASP A 349 -18.15 -44.78 -3.64
C ASP A 349 -19.13 -43.91 -4.43
N VAL A 350 -19.04 -42.59 -4.28
CA VAL A 350 -19.83 -41.69 -5.12
C VAL A 350 -19.35 -41.82 -6.58
N PHE A 351 -18.04 -41.87 -6.76
CA PHE A 351 -17.50 -42.01 -8.14
C PHE A 351 -17.79 -43.36 -8.77
N SER A 352 -17.81 -44.43 -8.00
CA SER A 352 -18.09 -45.75 -8.56
C SER A 352 -19.58 -45.99 -8.73
N GLY A 353 -20.43 -45.20 -8.07
CA GLY A 353 -21.86 -45.44 -8.17
C GLY A 353 -22.43 -46.35 -7.08
N LYS A 354 -21.58 -46.76 -6.15
CA LYS A 354 -21.99 -47.60 -5.02
C LYS A 354 -22.99 -46.85 -4.11
N ILE A 355 -22.76 -45.54 -3.96
CA ILE A 355 -23.71 -44.63 -3.33
C ILE A 355 -23.98 -43.46 -4.26
N GLN A 356 -24.99 -42.65 -3.95
CA GLN A 356 -25.30 -41.47 -4.72
C GLN A 356 -24.67 -40.21 -4.07
N PRO A 357 -24.63 -39.10 -4.82
CA PRO A 357 -23.86 -37.95 -4.31
C PRO A 357 -24.35 -37.39 -2.98
N ARG A 358 -25.65 -37.32 -2.77
CA ARG A 358 -26.15 -36.83 -1.50
C ARG A 358 -25.78 -37.76 -0.31
N ASP A 359 -25.46 -39.03 -0.59
CA ASP A 359 -24.93 -39.94 0.44
C ASP A 359 -23.58 -39.58 1.01
N ALA A 360 -22.85 -38.69 0.36
CA ALA A 360 -21.58 -38.24 0.89
C ALA A 360 -21.77 -37.31 2.10
N ILE A 361 -22.96 -36.74 2.24
CA ILE A 361 -23.24 -35.82 3.32
C ILE A 361 -23.55 -36.58 4.60
N VAL A 362 -22.86 -36.26 5.69
CA VAL A 362 -23.00 -36.94 6.96
C VAL A 362 -23.60 -36.06 8.05
N ALA A 363 -23.72 -34.75 7.80
CA ALA A 363 -24.37 -33.81 8.73
C ALA A 363 -24.67 -32.54 7.97
N GLU A 364 -25.71 -31.83 8.39
CA GLU A 364 -26.06 -30.55 7.80
C GLU A 364 -26.62 -29.66 8.91
N PRO A 365 -25.78 -29.34 9.91
CA PRO A 365 -26.33 -28.67 11.11
C PRO A 365 -26.70 -27.20 10.85
N GLU A 366 -27.81 -26.77 11.45
CA GLU A 366 -28.16 -25.35 11.49
C GLU A 366 -27.24 -24.65 12.47
N LEU A 367 -26.66 -23.53 12.08
CA LEU A 367 -25.75 -22.75 12.90
C LEU A 367 -26.24 -21.32 13.15
N GLY A 368 -26.82 -20.68 12.13
CA GLY A 368 -27.20 -19.27 12.25
C GLY A 368 -27.20 -18.61 10.89
N LEU A 369 -27.41 -17.30 10.89
CA LEU A 369 -27.70 -16.60 9.65
C LEU A 369 -26.42 -16.17 8.95
N GLY A 370 -26.35 -16.58 7.69
CA GLY A 370 -25.27 -16.29 6.78
C GLY A 370 -23.94 -17.01 6.95
N PRO A 371 -23.95 -18.35 7.11
CA PRO A 371 -22.67 -19.05 7.25
C PRO A 371 -21.80 -18.95 5.98
N LEU A 372 -20.58 -18.44 6.12
CA LEU A 372 -19.71 -18.23 4.95
C LEU A 372 -18.47 -19.09 4.87
N HIS A 373 -17.85 -19.40 5.99
CA HIS A 373 -16.53 -20.00 5.98
C HIS A 373 -16.25 -20.72 7.30
N THR A 374 -15.52 -21.84 7.26
CA THR A 374 -15.23 -22.68 8.44
C THR A 374 -13.71 -22.91 8.56
N ALA A 375 -13.19 -22.76 9.77
CA ALA A 375 -11.84 -23.16 10.14
C ALA A 375 -11.95 -24.16 11.27
N PHE A 376 -10.82 -24.83 11.54
CA PHE A 376 -10.79 -25.97 12.46
C PHE A 376 -9.69 -25.84 13.49
N ASP A 377 -9.95 -26.33 14.70
CA ASP A 377 -8.91 -26.49 15.70
C ASP A 377 -8.32 -27.87 15.57
N ASN A 378 -7.55 -28.29 16.58
CA ASN A 378 -6.87 -29.59 16.52
C ASN A 378 -7.61 -30.61 17.38
N LYS A 379 -8.88 -30.32 17.67
CA LYS A 379 -9.67 -31.11 18.64
C LYS A 379 -10.96 -31.65 18.03
N GLY A 380 -11.22 -31.41 16.74
CA GLY A 380 -12.49 -31.83 16.15
C GLY A 380 -13.57 -30.76 16.18
N ASN A 381 -13.24 -29.55 16.63
CA ASN A 381 -14.18 -28.42 16.55
C ASN A 381 -13.98 -27.60 15.31
N ALA A 382 -15.04 -26.88 14.98
CA ALA A 382 -15.10 -26.04 13.78
C ALA A 382 -15.57 -24.66 14.20
N PHE A 383 -15.16 -23.64 13.44
CA PHE A 383 -15.48 -22.24 13.72
C PHE A 383 -16.02 -21.67 12.43
N THR A 384 -17.31 -21.30 12.43
CA THR A 384 -18.00 -20.88 11.20
C THR A 384 -18.44 -19.44 11.37
N THR A 385 -18.09 -18.65 10.39
CA THR A 385 -18.52 -17.25 10.35
C THR A 385 -19.99 -17.14 10.01
N LEU A 386 -20.74 -16.35 10.77
CA LEU A 386 -22.13 -16.06 10.47
C LEU A 386 -22.20 -14.57 10.12
N PHE A 387 -22.26 -14.29 8.83
CA PHE A 387 -22.16 -12.92 8.31
C PHE A 387 -23.29 -12.05 8.81
N LEU A 388 -24.52 -12.55 8.72
CA LEU A 388 -25.69 -11.76 9.09
C LEU A 388 -25.87 -11.63 10.59
N ASP A 389 -25.65 -12.70 11.33
CA ASP A 389 -25.73 -12.62 12.81
C ASP A 389 -24.51 -11.94 13.43
N SER A 390 -23.47 -11.75 12.64
CA SER A 390 -22.22 -11.18 13.07
C SER A 390 -21.59 -11.92 14.24
N GLN A 391 -21.44 -13.23 14.05
CA GLN A 391 -20.90 -14.10 15.10
C GLN A 391 -19.96 -15.15 14.50
N ILE A 392 -19.17 -15.78 15.35
CA ILE A 392 -18.51 -17.03 15.06
C ILE A 392 -19.23 -18.10 15.84
N ALA A 393 -19.67 -19.15 15.17
CA ALA A 393 -20.20 -20.33 15.80
C ALA A 393 -19.13 -21.40 15.94
N LYS A 394 -18.86 -21.82 17.19
CA LYS A 394 -17.96 -22.95 17.49
C LYS A 394 -18.83 -24.15 17.67
N TRP A 395 -18.55 -25.21 16.93
CA TRP A 395 -19.35 -26.42 16.95
C TRP A 395 -18.49 -27.66 16.82
N ASN A 396 -18.98 -28.81 17.27
CA ASN A 396 -18.20 -30.06 17.21
C ASN A 396 -18.73 -30.93 16.07
N ILE A 397 -17.84 -31.35 15.17
CA ILE A 397 -18.23 -32.10 13.99
C ILE A 397 -18.88 -33.41 14.35
N GLN A 398 -18.29 -34.18 15.26
CA GLN A 398 -18.86 -35.49 15.60
C GLN A 398 -20.22 -35.38 16.26
N ASP A 399 -20.39 -34.36 17.10
CA ASP A 399 -21.71 -34.10 17.68
C ASP A 399 -22.74 -33.70 16.67
N ALA A 400 -22.34 -32.98 15.60
CA ALA A 400 -23.27 -32.61 14.56
C ALA A 400 -23.72 -33.83 13.78
N ILE A 401 -22.81 -34.79 13.60
CA ILE A 401 -23.16 -36.05 12.95
C ILE A 401 -24.13 -36.83 13.84
N LYS A 402 -23.86 -36.92 15.12
CA LYS A 402 -24.77 -37.59 16.04
CA LYS A 402 -24.77 -37.58 16.02
C LYS A 402 -26.16 -36.96 16.01
N ALA A 403 -26.23 -35.64 16.05
CA ALA A 403 -27.51 -34.94 16.03
C ALA A 403 -28.27 -35.19 14.74
N TYR A 404 -27.57 -35.22 13.62
CA TYR A 404 -28.15 -35.54 12.30
C TYR A 404 -28.79 -36.91 12.32
N ASN A 405 -28.20 -37.83 13.06
CA ASN A 405 -28.73 -39.19 13.19
C ASN A 405 -29.73 -39.37 14.33
N GLY A 406 -30.17 -38.28 14.93
CA GLY A 406 -31.30 -38.27 15.85
C GLY A 406 -30.91 -38.38 17.32
N GLU A 407 -29.62 -38.27 17.64
CA GLU A 407 -29.20 -38.33 19.05
C GLU A 407 -29.45 -36.96 19.69
N LYS A 408 -29.87 -36.96 20.95
CA LYS A 408 -30.12 -35.73 21.69
C LYS A 408 -28.80 -35.21 22.25
N VAL A 409 -28.03 -34.57 21.37
CA VAL A 409 -26.74 -34.00 21.72
C VAL A 409 -26.64 -32.60 21.12
N ASN A 410 -26.14 -31.66 21.91
CA ASN A 410 -25.89 -30.29 21.46
C ASN A 410 -24.52 -30.22 20.80
N TYR A 411 -24.48 -29.83 19.53
CA TYR A 411 -23.21 -29.68 18.79
C TYR A 411 -22.64 -28.26 18.85
N LEU A 412 -23.44 -27.28 19.23
CA LEU A 412 -23.02 -25.90 19.30
C LEU A 412 -22.40 -25.63 20.65
N ARG A 413 -21.11 -25.30 20.65
CA ARG A 413 -20.39 -24.99 21.85
C ARG A 413 -20.51 -23.54 22.31
N GLN A 414 -20.44 -22.60 21.37
CA GLN A 414 -20.42 -21.17 21.72
C GLN A 414 -20.68 -20.34 20.51
N LYS A 415 -21.29 -19.18 20.73
CA LYS A 415 -21.36 -18.15 19.69
C LYS A 415 -20.69 -16.90 20.25
N LEU A 416 -19.70 -16.39 19.55
CA LEU A 416 -19.00 -15.17 19.92
C LEU A 416 -19.37 -14.05 18.97
N ASP A 417 -19.81 -12.91 19.53
CA ASP A 417 -20.09 -11.73 18.74
C ASP A 417 -18.79 -11.16 18.18
N VAL A 418 -18.82 -10.83 16.90
CA VAL A 418 -17.68 -10.20 16.23
C VAL A 418 -18.15 -8.91 15.58
N HIS A 419 -17.17 -8.09 15.19
CA HIS A 419 -17.47 -6.69 14.90
C HIS A 419 -16.85 -6.16 13.61
N TYR A 420 -17.54 -6.19 12.50
CA TYR A 420 -18.84 -6.77 12.28
C TYR A 420 -18.88 -7.41 10.90
N GLN A 421 -19.77 -8.40 10.71
CA GLN A 421 -20.03 -9.00 9.40
C GLN A 421 -18.80 -9.79 8.94
N PRO A 422 -18.57 -10.93 9.58
CA PRO A 422 -17.39 -11.74 9.24
C PRO A 422 -17.51 -12.43 7.91
N GLY A 423 -16.38 -12.49 7.19
CA GLY A 423 -16.27 -13.24 5.96
C GLY A 423 -15.57 -14.52 6.18
N HIS A 424 -14.28 -14.54 5.97
CA HIS A 424 -13.50 -15.76 6.22
C HIS A 424 -12.95 -15.74 7.65
N ASN A 425 -12.62 -16.92 8.17
CA ASN A 425 -11.87 -17.04 9.38
C ASN A 425 -10.88 -18.19 9.30
N HIS A 426 -9.76 -18.03 10.01
CA HIS A 426 -8.61 -18.91 9.84
C HIS A 426 -7.98 -19.19 11.18
N THR A 427 -7.50 -20.42 11.37
CA THR A 427 -6.80 -20.76 12.57
C THR A 427 -5.30 -20.96 12.30
N SER A 428 -4.52 -20.89 13.36
CA SER A 428 -3.08 -21.02 13.26
C SER A 428 -2.67 -22.43 12.80
N GLN A 429 -2.01 -22.48 11.64
CA GLN A 429 -1.67 -23.73 10.97
C GLN A 429 -2.87 -24.61 10.62
N GLY A 430 -4.07 -24.00 10.58
CA GLY A 430 -5.33 -24.72 10.43
C GLY A 430 -5.63 -25.44 9.16
N GLU A 431 -4.95 -25.08 8.07
CA GLU A 431 -5.15 -25.77 6.78
C GLU A 431 -4.11 -26.83 6.52
N THR A 432 -3.49 -27.29 7.62
CA THR A 432 -2.42 -28.30 7.56
C THR A 432 -2.56 -29.25 8.73
N ARG A 433 -1.80 -30.34 8.67
CA ARG A 433 -1.75 -31.32 9.74
CA ARG A 433 -1.80 -31.32 9.75
C ARG A 433 -1.20 -30.77 11.06
N ASP A 434 -0.53 -29.61 11.00
CA ASP A 434 0.12 -28.99 12.14
C ASP A 434 -0.81 -28.06 12.94
N THR A 435 -2.09 -28.06 12.59
CA THR A 435 -3.10 -27.25 13.28
C THR A 435 -2.90 -27.36 14.79
N ASP A 436 -2.84 -26.22 15.47
CA ASP A 436 -2.44 -26.23 16.86
C ASP A 436 -3.50 -25.71 17.84
N GLY A 437 -4.63 -25.22 17.32
CA GLY A 437 -5.74 -24.80 18.18
C GLY A 437 -5.44 -23.58 19.04
N LYS A 438 -4.47 -22.74 18.65
CA LYS A 438 -4.06 -21.60 19.50
CA LYS A 438 -4.04 -21.60 19.48
C LYS A 438 -4.80 -20.31 19.15
N TRP A 439 -4.81 -19.94 17.85
CA TRP A 439 -5.39 -18.66 17.40
C TRP A 439 -6.40 -18.82 16.28
N LEU A 440 -7.41 -17.96 16.30
CA LEU A 440 -8.40 -17.80 15.25
C LEU A 440 -8.42 -16.33 14.88
N VAL A 441 -8.33 -16.05 13.57
CA VAL A 441 -8.47 -14.68 13.03
C VAL A 441 -9.72 -14.64 12.17
N VAL A 442 -10.50 -13.58 12.34
CA VAL A 442 -11.76 -13.41 11.71
C VAL A 442 -11.67 -12.13 10.89
N LEU A 443 -12.06 -12.19 9.62
CA LEU A 443 -11.98 -11.04 8.69
C LEU A 443 -13.33 -10.38 8.54
N CYS A 444 -13.57 -9.41 9.44
CA CYS A 444 -14.83 -8.66 9.43
C CYS A 444 -14.84 -7.50 8.43
N LYS A 445 -15.94 -7.37 7.71
CA LYS A 445 -16.05 -6.44 6.60
C LYS A 445 -16.45 -5.04 6.99
N PHE A 446 -17.09 -4.86 8.12
CA PHE A 446 -17.54 -3.51 8.55
C PHE A 446 -17.04 -3.23 9.94
N SER A 447 -16.23 -2.19 10.10
CA SER A 447 -15.68 -1.91 11.42
C SER A 447 -16.52 -0.91 12.23
N LYS A 448 -17.44 -0.20 11.62
CA LYS A 448 -18.36 0.67 12.37
C LYS A 448 -17.59 1.57 13.39
N ASP A 449 -17.91 1.38 14.65
CA ASP A 449 -17.44 2.17 15.78
C ASP A 449 -16.14 1.64 16.43
N ARG A 450 -15.51 0.62 15.85
CA ARG A 450 -14.41 -0.07 16.50
C ARG A 450 -13.10 0.71 16.56
N PHE A 451 -12.95 1.69 15.67
CA PHE A 451 -11.73 2.49 15.55
C PHE A 451 -12.11 3.94 15.46
N LEU A 452 -11.16 4.82 15.74
CA LEU A 452 -11.40 6.25 15.48
C LEU A 452 -11.91 6.46 14.07
N PRO A 453 -12.82 7.41 13.88
CA PRO A 453 -13.34 7.64 12.53
C PRO A 453 -12.35 8.30 11.57
N VAL A 454 -12.34 7.84 10.34
CA VAL A 454 -11.38 8.27 9.31
C VAL A 454 -12.03 8.74 8.03
N GLY A 455 -13.33 9.04 8.06
CA GLY A 455 -14.02 9.53 6.88
C GLY A 455 -14.95 8.50 6.27
N PRO A 456 -15.39 8.76 5.02
CA PRO A 456 -16.40 7.88 4.39
C PRO A 456 -15.90 6.46 4.09
N LEU A 457 -14.61 6.24 4.09
CA LEU A 457 -14.01 4.91 3.81
C LEU A 457 -13.39 4.45 5.11
N ARG A 458 -13.82 3.30 5.61
CA ARG A 458 -13.35 2.83 6.91
CA ARG A 458 -13.41 2.77 6.91
C ARG A 458 -12.52 1.56 6.72
N PRO A 459 -11.65 1.29 7.72
CA PRO A 459 -10.91 0.04 7.62
C PRO A 459 -11.84 -1.15 7.85
N GLU A 460 -11.37 -2.30 7.43
CA GLU A 460 -11.95 -3.57 7.90
C GLU A 460 -11.41 -3.86 9.28
N ASN A 461 -11.95 -4.89 9.95
CA ASN A 461 -11.52 -5.30 11.26
C ASN A 461 -11.11 -6.78 11.27
N ASP A 462 -9.83 -7.03 11.34
CA ASP A 462 -9.32 -8.39 11.49
C ASP A 462 -9.23 -8.65 12.98
N GLN A 463 -10.03 -9.57 13.48
CA GLN A 463 -10.09 -9.80 14.91
C GLN A 463 -9.36 -11.09 15.31
N LEU A 464 -8.46 -10.97 16.27
CA LEU A 464 -7.70 -12.10 16.81
C LEU A 464 -8.40 -12.66 18.04
N ILE A 465 -8.63 -13.97 18.02
CA ILE A 465 -9.38 -14.67 19.08
C ILE A 465 -8.49 -15.80 19.60
N ASP A 466 -8.34 -15.82 20.91
CA ASP A 466 -7.61 -16.89 21.60
C ASP A 466 -8.58 -18.07 21.73
N ILE A 467 -8.25 -19.18 21.06
CA ILE A 467 -9.07 -20.40 21.08
C ILE A 467 -8.36 -21.54 21.86
N SER A 468 -7.29 -21.22 22.56
CA SER A 468 -6.48 -22.22 23.24
C SER A 468 -7.18 -22.82 24.46
N GLY A 469 -8.22 -22.17 24.99
CA GLY A 469 -9.06 -22.76 26.06
C GLY A 469 -10.43 -23.18 25.53
N ASP A 470 -11.34 -23.53 26.42
CA ASP A 470 -12.68 -23.98 25.96
C ASP A 470 -13.55 -22.82 25.49
N GLU A 471 -13.43 -21.66 26.14
CA GLU A 471 -14.12 -20.43 25.69
C GLU A 471 -13.25 -19.58 24.72
N MET A 472 -13.85 -19.19 23.60
CA MET A 472 -13.27 -18.23 22.62
CA MET A 472 -13.22 -18.25 22.67
C MET A 472 -13.16 -16.85 23.28
N LYS A 473 -11.99 -16.22 23.23
CA LYS A 473 -11.78 -14.89 23.82
CA LYS A 473 -11.76 -14.89 23.84
C LYS A 473 -11.24 -13.92 22.79
N LEU A 474 -11.99 -12.84 22.55
CA LEU A 474 -11.53 -11.80 21.63
C LEU A 474 -10.39 -11.03 22.26
N VAL A 475 -9.24 -10.94 21.59
CA VAL A 475 -8.07 -10.24 22.19
C VAL A 475 -7.55 -9.02 21.42
N HIS A 476 -7.85 -8.87 20.14
CA HIS A 476 -7.27 -7.76 19.38
C HIS A 476 -8.16 -7.42 18.19
N ASP A 477 -8.42 -6.13 17.98
CA ASP A 477 -9.06 -5.62 16.76
C ASP A 477 -7.97 -4.98 15.96
N GLY A 478 -7.75 -5.51 14.74
CA GLY A 478 -6.77 -5.01 13.81
C GLY A 478 -7.38 -4.31 12.60
N PRO A 479 -7.24 -2.99 12.53
CA PRO A 479 -7.73 -2.32 11.33
C PRO A 479 -6.91 -2.72 10.11
N THR A 480 -7.56 -3.02 9.00
CA THR A 480 -6.86 -3.38 7.77
CA THR A 480 -6.90 -3.42 7.78
C THR A 480 -7.45 -2.67 6.56
N PHE A 481 -6.61 -2.49 5.55
CA PHE A 481 -6.94 -1.70 4.37
C PHE A 481 -7.35 -2.59 3.21
N ALA A 482 -8.43 -2.22 2.55
CA ALA A 482 -8.81 -2.80 1.28
C ALA A 482 -9.35 -4.25 1.35
N GLU A 483 -9.94 -4.62 2.49
CA GLU A 483 -10.74 -5.82 2.59
CA GLU A 483 -10.76 -5.84 2.60
C GLU A 483 -10.00 -7.11 2.21
N PRO A 484 -9.01 -7.49 3.02
CA PRO A 484 -8.40 -8.83 2.82
C PRO A 484 -9.48 -9.91 2.74
N HIS A 485 -9.35 -10.78 1.75
CA HIS A 485 -10.37 -11.81 1.53
C HIS A 485 -10.11 -13.06 2.34
N ASP A 486 -8.87 -13.33 2.67
CA ASP A 486 -8.44 -14.66 3.07
C ASP A 486 -7.01 -14.49 3.54
N CYS A 487 -6.59 -15.41 4.40
CA CYS A 487 -5.24 -15.36 4.91
C CYS A 487 -4.83 -16.78 5.40
N MET A 488 -3.56 -16.96 5.65
CA MET A 488 -3.03 -18.24 6.17
C MET A 488 -1.96 -17.91 7.20
N ILE A 489 -1.81 -18.82 8.17
CA ILE A 489 -0.92 -18.65 9.30
C ILE A 489 0.00 -19.87 9.41
N VAL A 490 1.31 -19.62 9.33
CA VAL A 490 2.35 -20.65 9.24
C VAL A 490 3.36 -20.39 10.37
N HIS A 491 3.79 -21.44 11.04
CA HIS A 491 4.73 -21.28 12.12
C HIS A 491 6.07 -20.78 11.57
N ARG A 492 6.74 -19.93 12.34
CA ARG A 492 7.99 -19.33 11.93
C ARG A 492 9.09 -20.30 11.55
N SER A 493 9.07 -21.48 12.16
CA SER A 493 10.06 -22.48 11.87
C SER A 493 9.97 -23.05 10.48
N LYS A 494 8.87 -22.82 9.76
CA LYS A 494 8.75 -23.39 8.42
C LYS A 494 9.13 -22.43 7.33
N VAL A 495 9.47 -21.20 7.68
CA VAL A 495 9.79 -20.20 6.68
C VAL A 495 11.17 -19.67 7.04
N LYS A 496 12.04 -19.72 6.05
CA LYS A 496 13.47 -19.31 6.20
CA LYS A 496 13.45 -19.28 6.21
C LYS A 496 13.97 -18.44 5.03
N PRO A 497 13.64 -17.15 5.05
CA PRO A 497 14.06 -16.30 3.93
C PRO A 497 15.58 -16.05 3.93
N GLN A 498 16.09 -15.67 2.76
CA GLN A 498 17.49 -15.27 2.66
C GLN A 498 17.69 -13.82 2.98
N LYS A 499 18.94 -13.45 3.24
CA LYS A 499 19.28 -12.09 3.64
C LYS A 499 19.82 -11.25 2.48
N LEU A 500 20.49 -11.88 1.52
CA LEU A 500 21.02 -11.18 0.37
C LEU A 500 20.59 -11.86 -0.90
N TRP A 501 20.42 -11.07 -1.94
CA TRP A 501 20.27 -11.65 -3.28
C TRP A 501 21.60 -12.26 -3.73
N THR A 502 21.55 -13.06 -4.77
CA THR A 502 22.75 -13.60 -5.41
C THR A 502 22.76 -13.19 -6.86
N ARG A 503 23.95 -13.10 -7.42
CA ARG A 503 24.09 -12.55 -8.76
C ARG A 503 23.47 -13.37 -9.85
N ASP A 504 23.28 -14.66 -9.60
CA ASP A 504 22.67 -15.57 -10.53
C ASP A 504 21.18 -15.65 -10.45
N ASP A 505 20.53 -14.78 -9.70
CA ASP A 505 19.10 -14.94 -9.52
C ASP A 505 18.33 -14.84 -10.85
N PRO A 506 17.35 -15.76 -11.08
CA PRO A 506 16.63 -15.67 -12.34
C PRO A 506 15.82 -14.42 -12.47
N MET A 507 15.51 -13.74 -11.38
CA MET A 507 14.64 -12.58 -11.46
C MET A 507 15.24 -11.40 -12.21
N PHE A 508 16.57 -11.30 -12.26
CA PHE A 508 17.21 -10.28 -13.11
C PHE A 508 18.16 -10.88 -14.15
N ALA A 509 18.02 -12.16 -14.45
CA ALA A 509 18.89 -12.79 -15.45
C ALA A 509 18.80 -12.18 -16.85
N ASP A 510 17.62 -11.75 -17.27
CA ASP A 510 17.54 -11.13 -18.59
C ASP A 510 18.26 -9.78 -18.65
N THR A 511 18.25 -9.04 -17.56
CA THR A 511 19.03 -7.83 -17.48
C THR A 511 20.52 -8.08 -17.52
N VAL A 512 20.92 -9.13 -16.83
CA VAL A 512 22.34 -9.54 -16.87
C VAL A 512 22.75 -9.93 -18.28
N ALA A 513 21.87 -10.64 -18.99
CA ALA A 513 22.18 -11.11 -20.33
C ALA A 513 22.27 -9.90 -21.27
N MET A 514 21.43 -8.87 -21.07
CA MET A 514 21.53 -7.62 -21.84
C MET A 514 22.88 -6.95 -21.64
N ALA A 515 23.31 -6.86 -20.38
CA ALA A 515 24.60 -6.28 -20.03
C ALA A 515 25.73 -7.06 -20.70
N LYS A 516 25.63 -8.39 -20.71
CA LYS A 516 26.68 -9.22 -21.34
C LYS A 516 26.79 -8.94 -22.85
N GLN A 517 25.65 -8.79 -23.53
CA GLN A 517 25.65 -8.44 -24.96
CA GLN A 517 25.66 -8.44 -24.97
C GLN A 517 26.34 -7.10 -25.21
N ASP A 518 26.23 -6.16 -24.26
CA ASP A 518 26.95 -4.88 -24.33
C ASP A 518 28.41 -4.91 -23.87
N GLY A 519 28.94 -6.08 -23.48
CA GLY A 519 30.28 -6.19 -22.93
C GLY A 519 30.42 -5.67 -21.51
N VAL A 520 29.31 -5.60 -20.76
CA VAL A 520 29.30 -5.04 -19.44
C VAL A 520 29.32 -6.13 -18.35
N THR A 521 30.22 -5.95 -17.39
CA THR A 521 30.28 -6.81 -16.22
C THR A 521 29.68 -5.99 -15.10
N LEU A 522 28.50 -6.41 -14.65
CA LEU A 522 27.74 -5.58 -13.69
C LEU A 522 28.36 -5.38 -12.31
N GLU A 523 29.19 -6.33 -11.89
CA GLU A 523 29.86 -6.24 -10.63
C GLU A 523 30.98 -5.21 -10.65
N MET A 524 31.41 -4.74 -11.84
CA MET A 524 32.57 -3.85 -11.96
C MET A 524 32.33 -2.54 -12.68
N ASP A 525 31.38 -2.50 -13.63
CA ASP A 525 31.35 -1.41 -14.61
C ASP A 525 30.41 -0.24 -14.34
N ASN A 526 30.90 0.94 -14.69
CA ASN A 526 30.11 2.16 -14.76
C ASN A 526 30.28 2.67 -16.17
N LYS A 527 29.30 2.35 -17.02
CA LYS A 527 29.39 2.59 -18.47
C LYS A 527 28.11 3.15 -19.05
N VAL A 528 28.25 3.94 -20.11
CA VAL A 528 27.15 4.43 -20.89
C VAL A 528 27.28 3.82 -22.28
N ILE A 529 26.27 3.08 -22.72
CA ILE A 529 26.24 2.48 -24.05
C ILE A 529 25.26 3.28 -24.90
N ARG A 530 25.71 3.74 -26.07
CA ARG A 530 24.88 4.50 -27.02
C ARG A 530 24.45 3.59 -28.17
N ASP A 531 23.17 3.58 -28.47
CA ASP A 531 22.59 2.68 -29.44
C ASP A 531 21.47 3.42 -30.19
N GLY A 532 21.87 4.25 -31.16
CA GLY A 532 20.92 5.05 -31.92
C GLY A 532 20.32 6.11 -31.00
N ASN A 533 19.00 6.10 -30.89
CA ASN A 533 18.32 6.96 -29.90
CA ASN A 533 18.29 6.95 -29.91
C ASN A 533 18.08 6.29 -28.53
N LYS A 534 18.64 5.11 -28.35
CA LYS A 534 18.59 4.40 -27.06
C LYS A 534 19.93 4.59 -26.35
N VAL A 535 19.87 4.72 -25.03
CA VAL A 535 21.06 4.83 -24.19
C VAL A 535 20.87 3.84 -23.06
N ARG A 536 21.87 2.99 -22.82
CA ARG A 536 21.84 2.07 -21.65
C ARG A 536 22.96 2.46 -20.70
N VAL A 537 22.58 2.79 -19.45
CA VAL A 537 23.47 3.34 -18.45
C VAL A 537 23.59 2.28 -17.36
N TYR A 538 24.80 1.80 -17.15
CA TYR A 538 25.05 0.75 -16.17
C TYR A 538 25.85 1.36 -15.07
N MET A 539 25.33 1.36 -13.85
CA MET A 539 26.04 1.95 -12.72
C MET A 539 25.97 1.07 -11.49
N THR A 540 27.05 1.10 -10.71
CA THR A 540 27.14 0.40 -9.47
C THR A 540 26.73 1.34 -8.36
N SER A 541 26.40 0.76 -7.23
CA SER A 541 26.14 1.55 -6.03
C SER A 541 26.70 0.84 -4.79
N ILE A 542 27.46 1.59 -4.00
CA ILE A 542 28.02 1.16 -2.73
C ILE A 542 27.77 2.35 -1.81
N ALA A 543 26.93 2.22 -0.79
CA ALA A 543 26.51 3.39 -0.01
C ALA A 543 27.76 4.10 0.54
N PRO A 544 27.88 5.45 0.48
CA PRO A 544 26.89 6.40 -0.03
C PRO A 544 27.17 6.91 -1.44
N ASN A 545 27.67 6.08 -2.35
CA ASN A 545 28.04 6.56 -3.67
C ASN A 545 27.48 5.75 -4.82
N PHE A 546 26.91 6.42 -5.81
CA PHE A 546 26.71 5.81 -7.12
C PHE A 546 28.08 5.81 -7.81
N GLY A 547 28.28 4.92 -8.79
CA GLY A 547 29.54 4.81 -9.50
C GLY A 547 29.73 5.81 -10.61
N MET A 548 28.73 6.65 -10.83
CA MET A 548 28.75 7.72 -11.76
C MET A 548 28.19 8.95 -11.10
N ASN A 549 28.79 10.12 -11.30
CA ASN A 549 28.24 11.36 -10.76
C ASN A 549 27.46 12.14 -11.81
N GLU A 550 27.63 11.80 -13.06
CA GLU A 550 26.88 12.43 -14.10
C GLU A 550 26.99 11.65 -15.39
N PHE A 551 25.99 11.78 -16.23
CA PHE A 551 26.00 11.21 -17.56
C PHE A 551 25.18 12.10 -18.51
N LYS A 552 25.52 12.09 -19.78
CA LYS A 552 24.89 12.93 -20.80
C LYS A 552 24.06 12.13 -21.75
N VAL A 553 22.92 12.69 -22.15
CA VAL A 553 22.03 12.11 -23.15
C VAL A 553 21.45 13.24 -23.99
N LYS A 554 20.84 12.90 -25.11
CA LYS A 554 20.15 13.90 -25.96
C LYS A 554 18.66 13.89 -25.61
N LEU A 555 18.04 15.06 -25.68
CA LEU A 555 16.60 15.17 -25.56
C LEU A 555 15.90 14.14 -26.45
N GLY A 556 14.99 13.38 -25.86
CA GLY A 556 14.21 12.37 -26.51
C GLY A 556 14.81 10.96 -26.53
N ASP A 557 16.04 10.81 -26.05
CA ASP A 557 16.62 9.47 -25.97
C ASP A 557 15.78 8.56 -25.07
N GLU A 558 15.73 7.28 -25.43
CA GLU A 558 15.14 6.27 -24.56
C GLU A 558 16.26 5.74 -23.67
N VAL A 559 16.15 6.04 -22.38
CA VAL A 559 17.20 5.78 -21.43
C VAL A 559 16.80 4.60 -20.56
N THR A 560 17.66 3.58 -20.53
CA THR A 560 17.52 2.51 -19.57
C THR A 560 18.63 2.64 -18.55
N VAL A 561 18.27 2.78 -17.29
CA VAL A 561 19.27 2.83 -16.20
C VAL A 561 19.25 1.47 -15.48
N VAL A 562 20.43 0.88 -15.36
CA VAL A 562 20.64 -0.43 -14.73
C VAL A 562 21.50 -0.14 -13.55
N VAL A 563 21.02 -0.45 -12.35
CA VAL A 563 21.75 -0.23 -11.12
C VAL A 563 22.01 -1.55 -10.41
N THR A 564 23.26 -1.76 -10.00
CA THR A 564 23.64 -2.94 -9.24
C THR A 564 24.21 -2.52 -7.91
N ASN A 565 23.58 -2.97 -6.82
CA ASN A 565 23.98 -2.66 -5.47
C ASN A 565 25.03 -3.67 -5.04
N LEU A 566 26.23 -3.19 -4.78
CA LEU A 566 27.37 -4.01 -4.42
C LEU A 566 27.65 -4.06 -2.92
N ASP A 567 26.80 -3.48 -2.10
CA ASP A 567 26.94 -3.67 -0.67
C ASP A 567 26.75 -5.13 -0.32
N GLN A 568 27.41 -5.54 0.75
CA GLN A 568 27.47 -6.96 1.14
C GLN A 568 26.90 -7.16 2.53
N VAL A 569 26.11 -6.20 2.98
CA VAL A 569 25.52 -6.21 4.31
C VAL A 569 24.00 -6.24 4.11
N GLU A 570 23.33 -7.12 4.86
CA GLU A 570 21.90 -7.30 4.74
C GLU A 570 21.16 -6.00 4.98
N ASP A 571 20.17 -5.77 4.11
CA ASP A 571 19.19 -4.70 4.24
C ASP A 571 19.77 -3.29 4.10
N VAL A 572 20.94 -3.17 3.51
CA VAL A 572 21.43 -1.87 3.09
C VAL A 572 20.80 -1.64 1.71
N THR A 573 19.52 -1.32 1.75
CA THR A 573 18.73 -1.14 0.53
C THR A 573 19.09 0.21 -0.11
N HIS A 574 19.28 0.22 -1.41
CA HIS A 574 19.43 1.50 -2.14
C HIS A 574 18.19 1.72 -2.96
N GLY A 575 18.05 2.92 -3.50
CA GLY A 575 17.08 3.20 -4.49
C GLY A 575 17.71 3.98 -5.60
N PHE A 576 16.98 4.09 -6.69
CA PHE A 576 17.30 4.98 -7.78
C PHE A 576 16.05 5.69 -8.21
N CYS A 577 16.08 7.00 -8.16
CA CYS A 577 14.96 7.85 -8.55
C CYS A 577 15.47 8.89 -9.54
N MET A 578 14.79 9.05 -10.66
CA MET A 578 15.09 10.11 -11.63
C MET A 578 14.08 11.22 -11.37
N THR A 579 14.55 12.35 -10.82
CA THR A 579 13.62 13.38 -10.31
C THR A 579 12.74 13.88 -11.43
N ASN A 580 11.46 14.06 -11.13
CA ASN A 580 10.43 14.57 -12.01
C ASN A 580 10.08 13.70 -13.23
N HIS A 581 10.55 12.46 -13.26
CA HIS A 581 10.27 11.57 -14.38
C HIS A 581 9.29 10.47 -13.97
N GLY A 582 8.83 10.42 -12.72
CA GLY A 582 7.96 9.28 -12.35
C GLY A 582 8.65 7.94 -12.39
N VAL A 583 9.90 7.91 -11.94
CA VAL A 583 10.77 6.75 -12.01
C VAL A 583 11.46 6.60 -10.65
N GLN A 584 11.19 5.51 -9.96
CA GLN A 584 11.94 5.15 -8.75
C GLN A 584 11.87 3.66 -8.56
N MET A 585 12.89 3.06 -7.95
CA MET A 585 12.96 1.61 -7.78
C MET A 585 13.82 1.25 -6.58
N GLU A 586 13.55 0.09 -5.99
CA GLU A 586 14.45 -0.53 -5.02
C GLU A 586 15.59 -1.25 -5.69
N VAL A 587 16.80 -1.07 -5.16
CA VAL A 587 17.95 -1.85 -5.57
C VAL A 587 18.52 -2.49 -4.31
N ALA A 588 18.19 -3.76 -4.13
CA ALA A 588 18.55 -4.51 -2.95
C ALA A 588 20.03 -4.96 -3.00
N PRO A 589 20.65 -5.29 -1.83
CA PRO A 589 22.04 -5.71 -1.87
C PRO A 589 22.25 -6.94 -2.74
N GLN A 590 23.25 -6.82 -3.61
CA GLN A 590 23.59 -7.81 -4.63
C GLN A 590 22.56 -7.99 -5.76
N ALA A 591 21.54 -7.14 -5.84
CA ALA A 591 20.56 -7.21 -6.89
C ALA A 591 20.92 -6.19 -7.97
N THR A 592 20.44 -6.46 -9.18
CA THR A 592 20.36 -5.50 -10.25
C THR A 592 18.92 -5.20 -10.52
N ALA A 593 18.65 -3.93 -10.81
CA ALA A 593 17.32 -3.45 -11.14
C ALA A 593 17.43 -2.44 -12.26
N SER A 594 16.41 -2.34 -13.09
CA SER A 594 16.48 -1.44 -14.23
C SER A 594 15.14 -0.87 -14.56
N VAL A 595 15.20 0.32 -15.15
CA VAL A 595 14.02 1.05 -15.57
C VAL A 595 14.32 1.79 -16.88
N THR A 596 13.30 1.91 -17.71
CA THR A 596 13.42 2.55 -19.01
C THR A 596 12.42 3.71 -19.07
N PHE A 597 12.89 4.87 -19.52
CA PHE A 597 12.05 6.07 -19.62
C PHE A 597 12.61 6.92 -20.75
N ILE A 598 11.79 7.85 -21.23
CA ILE A 598 12.20 8.81 -22.23
C ILE A 598 12.76 10.04 -21.55
N ALA A 599 13.95 10.48 -21.96
CA ALA A 599 14.49 11.74 -21.47
C ALA A 599 13.85 12.89 -22.26
N ASN A 600 12.62 13.23 -21.88
CA ASN A 600 11.82 14.22 -22.61
C ASN A 600 11.81 15.60 -21.97
N LYS A 601 12.68 15.79 -20.97
CA LYS A 601 12.83 17.06 -20.26
CA LYS A 601 12.82 17.06 -20.27
C LYS A 601 14.28 17.51 -20.40
N PRO A 602 14.51 18.62 -21.12
CA PRO A 602 15.88 19.04 -21.29
C PRO A 602 16.50 19.61 -20.03
N GLY A 603 17.81 19.69 -19.99
CA GLY A 603 18.52 20.30 -18.89
C GLY A 603 19.03 19.31 -17.84
N VAL A 604 19.39 19.84 -16.68
CA VAL A 604 19.88 19.05 -15.56
C VAL A 604 18.71 18.33 -14.95
N GLN A 605 18.86 17.00 -14.80
CA GLN A 605 17.83 16.16 -14.18
C GLN A 605 18.55 15.28 -13.16
N TRP A 606 18.40 15.61 -11.89
CA TRP A 606 19.09 14.88 -10.83
C TRP A 606 18.51 13.48 -10.62
N TYR A 607 19.40 12.50 -10.44
CA TYR A 607 19.02 11.16 -9.95
C TYR A 607 19.57 11.03 -8.55
N TYR A 608 18.88 10.28 -7.70
CA TYR A 608 19.28 10.16 -6.32
C TYR A 608 18.86 8.84 -5.73
N CYS A 609 19.51 8.47 -4.63
CA CYS A 609 19.17 7.28 -3.83
C CYS A 609 18.09 7.69 -2.86
N ASN A 610 16.87 7.23 -3.11
CA ASN A 610 15.75 7.70 -2.29
C ASN A 610 15.71 6.95 -0.97
N TRP A 611 16.28 5.74 -0.91
CA TRP A 611 16.33 4.98 0.33
C TRP A 611 17.41 5.49 1.29
N PHE A 612 17.16 5.40 2.58
CA PHE A 612 18.07 5.93 3.58
C PHE A 612 19.09 4.85 3.86
N CYS A 613 20.15 4.78 3.08
CA CYS A 613 21.07 3.66 3.18
C CYS A 613 22.30 3.97 4.00
N HIS A 614 22.47 5.23 4.41
CA HIS A 614 23.73 5.68 5.00
C HIS A 614 23.47 7.08 5.54
N ALA A 615 24.28 7.51 6.49
CA ALA A 615 24.19 8.90 7.01
C ALA A 615 24.29 9.97 5.90
N LEU A 616 25.01 9.65 4.83
CA LEU A 616 25.23 10.56 3.71
C LEU A 616 24.40 10.20 2.49
N HIS A 617 23.22 9.62 2.71
CA HIS A 617 22.37 9.23 1.60
C HIS A 617 21.85 10.42 0.82
N MET A 618 21.63 11.57 1.45
CA MET A 618 21.09 12.74 0.70
C MET A 618 22.06 13.28 -0.35
N GLU A 619 23.36 13.07 -0.07
CA GLU A 619 24.41 13.40 -0.98
C GLU A 619 24.69 12.32 -2.02
N MET A 620 23.94 11.21 -1.99
CA MET A 620 24.14 10.12 -2.95
C MET A 620 23.29 10.44 -4.15
N ARG A 621 23.79 11.30 -5.01
CA ARG A 621 22.99 11.79 -6.12
C ARG A 621 23.91 12.34 -7.20
N GLY A 622 23.39 12.34 -8.42
CA GLY A 622 24.18 12.74 -9.60
C GLY A 622 23.26 13.33 -10.65
N ARG A 623 23.82 13.77 -11.77
CA ARG A 623 23.07 14.48 -12.78
C ARG A 623 22.95 13.77 -14.10
N MET A 624 21.74 13.51 -14.58
CA MET A 624 21.53 13.24 -15.99
C MET A 624 21.46 14.59 -16.72
N LEU A 625 22.38 14.81 -17.63
CA LEU A 625 22.51 16.08 -18.38
C LEU A 625 21.86 15.91 -19.76
N VAL A 626 20.66 16.44 -19.93
CA VAL A 626 19.90 16.21 -21.14
C VAL A 626 20.13 17.38 -22.09
N GLU A 627 20.83 17.11 -23.19
CA GLU A 627 21.25 18.16 -24.13
C GLU A 627 20.13 18.51 -25.08
N ALA A 628 19.88 19.80 -25.24
CA ALA A 628 18.90 20.29 -26.21
C ALA A 628 19.33 19.97 -27.65
N LEU A 629 18.35 19.83 -28.54
CA LEU A 629 18.60 19.49 -29.95
C LEU A 629 18.82 20.74 -30.77
N ALA B 54 2.43 6.21 29.38
CA ALA B 54 1.10 5.73 29.82
C ALA B 54 0.97 4.26 29.47
N SER B 55 -0.25 3.75 29.47
CA SER B 55 -0.50 2.47 28.84
C SER B 55 -0.54 2.66 27.35
N ALA B 56 0.10 1.79 26.60
CA ALA B 56 -0.01 1.84 25.15
C ALA B 56 -1.04 0.83 24.61
N VAL B 57 -1.62 0.01 25.49
CA VAL B 57 -2.53 -1.04 25.00
C VAL B 57 -3.92 -0.45 24.77
N VAL B 58 -4.46 -0.66 23.57
CA VAL B 58 -5.83 -0.27 23.26
C VAL B 58 -6.57 -1.57 23.00
N HIS B 59 -7.37 -1.97 23.97
CA HIS B 59 -8.09 -3.23 23.90
C HIS B 59 -9.26 -3.12 22.95
N PRO B 60 -9.81 -4.28 22.51
CA PRO B 60 -11.03 -4.25 21.69
C PRO B 60 -12.14 -3.47 22.33
N GLY B 61 -12.77 -2.61 21.53
CA GLY B 61 -13.82 -1.73 22.01
C GLY B 61 -13.33 -0.42 22.61
N GLU B 62 -12.01 -0.27 22.82
CA GLU B 62 -11.40 1.00 23.25
C GLU B 62 -10.86 1.73 22.03
N LEU B 63 -10.74 3.05 22.10
CA LEU B 63 -10.29 3.88 20.99
C LEU B 63 -8.93 4.48 21.27
N ASP B 64 -8.17 4.70 20.21
CA ASP B 64 -6.93 5.47 20.32
C ASP B 64 -7.22 6.89 20.78
N GLU B 65 -6.21 7.55 21.32
CA GLU B 65 -6.34 8.91 21.80
C GLU B 65 -5.98 9.97 20.75
N TYR B 66 -5.06 9.64 19.85
CA TYR B 66 -4.60 10.56 18.84
C TYR B 66 -4.64 9.94 17.49
N TYR B 67 -4.69 10.78 16.47
CA TYR B 67 -4.39 10.40 15.09
C TYR B 67 -2.93 10.69 14.79
N GLY B 68 -2.27 9.76 14.13
CA GLY B 68 -0.98 10.02 13.55
C GLY B 68 -1.14 10.16 12.07
N PHE B 69 -0.60 11.19 11.46
CA PHE B 69 -0.53 11.32 9.99
C PHE B 69 0.88 11.07 9.62
N TRP B 70 1.06 9.95 8.94
CA TRP B 70 2.36 9.40 8.63
C TRP B 70 2.75 9.58 7.16
N SER B 71 4.02 9.87 6.96
CA SER B 71 4.63 9.74 5.67
C SER B 71 4.47 8.30 5.22
N GLY B 72 4.12 8.11 3.95
CA GLY B 72 4.16 6.78 3.35
C GLY B 72 5.50 6.48 2.73
N GLY B 73 6.43 7.42 2.86
CA GLY B 73 7.74 7.24 2.32
C GLY B 73 7.71 6.96 0.84
N HIS B 74 8.45 5.94 0.44
CA HIS B 74 8.63 5.63 -0.96
C HIS B 74 7.36 5.07 -1.62
N SER B 75 6.35 4.71 -0.83
CA SER B 75 5.07 4.27 -1.36
C SER B 75 4.22 5.39 -1.92
N GLY B 76 4.48 6.63 -1.55
CA GLY B 76 3.77 7.76 -2.16
C GLY B 76 2.44 8.10 -1.51
N GLU B 77 2.06 7.35 -0.48
CA GLU B 77 0.77 7.54 0.20
C GLU B 77 0.95 8.29 1.51
N VAL B 78 -0.15 8.66 2.15
CA VAL B 78 -0.13 9.13 3.53
C VAL B 78 -0.93 8.14 4.33
N ARG B 79 -0.50 7.83 5.54
CA ARG B 79 -1.15 6.85 6.37
C ARG B 79 -1.74 7.49 7.61
N ILE B 80 -2.88 7.01 8.03
CA ILE B 80 -3.46 7.40 9.32
C ILE B 80 -3.22 6.30 10.31
N LEU B 81 -2.54 6.61 11.40
CA LEU B 81 -2.32 5.67 12.48
C LEU B 81 -3.14 6.08 13.70
N GLY B 82 -3.49 5.10 14.53
CA GLY B 82 -4.02 5.36 15.88
C GLY B 82 -2.87 5.34 16.86
N ILE B 83 -2.78 6.36 17.72
CA ILE B 83 -1.78 6.42 18.76
C ILE B 83 -2.56 6.28 20.10
N PRO B 84 -2.15 5.44 21.06
CA PRO B 84 -0.84 4.74 21.16
C PRO B 84 -0.81 3.32 20.65
N SER B 85 -1.90 2.82 20.03
CA SER B 85 -1.90 1.45 19.55
C SER B 85 -0.89 1.24 18.40
N MET B 86 -0.64 2.31 17.63
CA MET B 86 0.26 2.32 16.48
C MET B 86 -0.25 1.47 15.32
N ARG B 87 -1.56 1.23 15.29
CA ARG B 87 -2.21 0.47 14.22
C ARG B 87 -2.51 1.43 13.08
N GLU B 88 -2.39 0.94 11.85
CA GLU B 88 -2.73 1.76 10.67
C GLU B 88 -4.22 1.71 10.37
N LEU B 89 -4.90 2.83 10.58
CA LEU B 89 -6.35 2.93 10.41
C LEU B 89 -6.75 3.11 8.94
N MET B 90 -5.92 3.76 8.15
CA MET B 90 -6.27 4.03 6.76
C MET B 90 -5.06 4.40 5.94
N ARG B 91 -5.12 4.15 4.64
CA ARG B 91 -4.14 4.66 3.66
C ARG B 91 -4.86 5.67 2.78
N ILE B 92 -4.28 6.85 2.67
CA ILE B 92 -4.79 7.89 1.81
C ILE B 92 -3.90 7.95 0.57
N PRO B 93 -4.42 7.66 -0.61
CA PRO B 93 -3.57 7.63 -1.80
C PRO B 93 -3.28 9.08 -2.24
N VAL B 94 -2.03 9.35 -2.62
CA VAL B 94 -1.63 10.70 -3.02
C VAL B 94 -0.86 10.62 -4.33
N PHE B 95 0.41 10.21 -4.27
CA PHE B 95 1.31 10.17 -5.43
C PHE B 95 1.44 8.79 -6.08
N ASN B 96 0.77 7.81 -5.48
CA ASN B 96 0.75 6.44 -5.94
C ASN B 96 -0.50 6.13 -6.77
N ILE B 97 -0.43 5.03 -7.48
CA ILE B 97 -1.58 4.44 -8.19
C ILE B 97 -2.14 3.39 -7.27
N ASP B 98 -3.27 3.70 -6.65
CA ASP B 98 -3.86 2.84 -5.64
C ASP B 98 -4.92 1.93 -6.25
N SER B 99 -4.58 0.65 -6.36
CA SER B 99 -5.51 -0.34 -6.88
C SER B 99 -6.79 -0.40 -6.01
N ALA B 100 -6.70 -0.18 -4.72
CA ALA B 100 -7.84 -0.34 -3.83
C ALA B 100 -8.97 0.63 -4.14
N THR B 101 -8.62 1.89 -4.33
CA THR B 101 -9.60 2.94 -4.57
C THR B 101 -9.74 3.42 -5.98
N GLY B 102 -8.79 3.00 -6.82
CA GLY B 102 -8.63 3.53 -8.18
C GLY B 102 -8.01 4.90 -8.25
N TRP B 103 -7.45 5.42 -7.16
CA TRP B 103 -6.78 6.73 -7.21
C TRP B 103 -5.59 6.63 -8.18
N GLY B 104 -5.57 7.51 -9.17
CA GLY B 104 -4.63 7.48 -10.24
C GLY B 104 -5.15 6.94 -11.54
N ILE B 105 -6.26 6.18 -11.50
CA ILE B 105 -6.91 5.75 -12.72
C ILE B 105 -8.31 6.35 -12.91
N THR B 106 -9.01 6.73 -11.84
CA THR B 106 -10.33 7.35 -12.00
C THR B 106 -10.17 8.73 -12.65
N ASN B 107 -11.24 9.18 -13.29
CA ASN B 107 -11.21 10.50 -13.88
C ASN B 107 -11.15 11.61 -12.84
N GLU B 108 -11.76 11.42 -11.66
CA GLU B 108 -11.77 12.43 -10.65
C GLU B 108 -10.37 12.58 -10.10
N SER B 109 -9.67 11.48 -9.85
CA SER B 109 -8.31 11.61 -9.31
C SER B 109 -7.34 12.15 -10.35
N LYS B 110 -7.47 11.73 -11.59
CA LYS B 110 -6.59 12.27 -12.64
C LYS B 110 -6.78 13.77 -12.80
N ARG B 111 -8.01 14.24 -12.63
CA ARG B 111 -8.26 15.69 -12.72
C ARG B 111 -7.49 16.41 -11.61
N ILE B 112 -7.55 15.89 -10.39
CA ILE B 112 -6.85 16.50 -9.25
C ILE B 112 -5.34 16.51 -9.49
N LYS B 113 -4.80 15.45 -10.06
CA LYS B 113 -3.36 15.39 -10.31
C LYS B 113 -2.93 16.35 -11.41
N GLY B 114 -3.83 16.74 -12.29
CA GLY B 114 -3.55 17.82 -13.27
C GLY B 114 -2.41 17.43 -14.20
N ASP B 115 -1.36 18.24 -14.12
CA ASP B 115 -0.23 18.10 -14.99
C ASP B 115 0.65 16.88 -14.67
N SER B 116 0.37 16.20 -13.56
CA SER B 116 1.12 15.00 -13.20
C SER B 116 0.32 13.71 -13.26
N ALA B 117 -0.83 13.70 -13.94
CA ALA B 117 -1.66 12.50 -14.04
C ALA B 117 -1.00 11.32 -14.69
N HIS B 118 0.02 11.56 -15.48
CA HIS B 118 0.76 10.50 -16.14
C HIS B 118 1.85 9.87 -15.26
N LEU B 119 2.13 10.45 -14.09
CA LEU B 119 3.14 9.89 -13.19
C LEU B 119 2.55 8.82 -12.26
N MET B 120 3.27 7.71 -12.14
CA MET B 120 2.77 6.54 -11.43
C MET B 120 3.38 6.35 -10.06
N THR B 121 4.31 7.23 -9.68
CA THR B 121 5.07 7.03 -8.43
C THR B 121 5.32 8.39 -7.75
N GLY B 122 5.68 8.30 -6.50
CA GLY B 122 6.22 9.45 -5.76
C GLY B 122 6.78 9.03 -4.43
N ASP B 123 7.29 10.02 -3.68
CA ASP B 123 7.96 9.74 -2.42
C ASP B 123 7.46 10.76 -1.42
N SER B 124 6.47 10.32 -0.62
CA SER B 124 5.76 11.17 0.33
CA SER B 124 5.79 11.23 0.27
C SER B 124 6.66 11.51 1.48
N HIS B 125 6.93 12.80 1.70
CA HIS B 125 7.88 13.23 2.68
C HIS B 125 7.24 13.67 3.98
N HIS B 126 6.87 14.96 4.07
CA HIS B 126 6.51 15.57 5.32
C HIS B 126 5.01 15.94 5.39
N PRO B 127 4.20 15.17 6.13
CA PRO B 127 2.75 15.48 6.26
C PRO B 127 2.46 16.38 7.40
N HIS B 128 1.87 17.57 7.16
CA HIS B 128 1.56 18.46 8.26
CA HIS B 128 1.56 18.49 8.26
C HIS B 128 0.22 19.13 8.15
N MET B 129 -0.42 19.23 9.32
CA MET B 129 -1.79 19.71 9.40
C MET B 129 -1.89 21.20 9.66
N SER B 130 -2.90 21.82 9.06
CA SER B 130 -3.17 23.23 9.20
C SER B 130 -3.49 23.58 10.66
N MET B 131 -3.08 24.80 11.01
CA MET B 131 -3.19 25.33 12.38
C MET B 131 -3.93 26.65 12.38
N THR B 132 -4.53 26.93 13.54
CA THR B 132 -5.04 28.26 13.89
C THR B 132 -4.36 28.61 15.21
N ASP B 133 -3.69 29.78 15.24
CA ASP B 133 -2.96 30.25 16.43
CA ASP B 133 -2.96 30.28 16.42
C ASP B 133 -2.08 29.20 17.07
N GLY B 134 -1.36 28.45 16.27
CA GLY B 134 -0.41 27.47 16.78
C GLY B 134 -0.97 26.19 17.35
N SER B 135 -2.24 25.89 17.05
CA SER B 135 -2.95 24.66 17.43
C SER B 135 -3.54 24.04 16.17
N TYR B 136 -3.49 22.72 16.04
CA TYR B 136 -4.12 22.07 14.89
C TYR B 136 -5.61 22.35 14.79
N ASN B 137 -6.06 22.63 13.57
CA ASN B 137 -7.48 22.92 13.36
C ASN B 137 -8.22 21.83 12.60
N GLY B 138 -7.52 20.76 12.20
CA GLY B 138 -8.16 19.61 11.57
C GLY B 138 -8.67 19.79 10.16
N LYS B 139 -8.37 20.90 9.47
CA LYS B 139 -8.96 21.11 8.15
C LYS B 139 -8.24 20.33 7.05
N TYR B 140 -6.91 20.46 7.01
CA TYR B 140 -6.10 19.95 5.90
C TYR B 140 -4.85 19.29 6.43
N VAL B 141 -4.32 18.33 5.66
CA VAL B 141 -2.96 17.83 5.84
C VAL B 141 -2.28 18.08 4.49
N PHE B 142 -1.13 18.75 4.53
CA PHE B 142 -0.32 18.99 3.33
C PHE B 142 0.83 17.99 3.29
N ILE B 143 1.22 17.59 2.09
CA ILE B 143 2.25 16.54 1.95
C ILE B 143 2.98 16.78 0.65
N ASN B 144 4.30 16.65 0.68
CA ASN B 144 5.07 16.87 -0.54
C ASN B 144 5.61 15.55 -1.09
N ASP B 145 5.82 15.54 -2.38
CA ASP B 145 6.48 14.46 -3.12
C ASP B 145 7.85 14.97 -3.48
N LYS B 146 8.89 14.43 -2.85
CA LYS B 146 10.25 14.80 -3.23
C LYS B 146 10.57 14.40 -4.63
N ALA B 147 10.17 13.20 -5.02
CA ALA B 147 10.64 12.61 -6.28
C ALA B 147 10.22 13.39 -7.50
N ASN B 148 9.03 14.00 -7.48
CA ASN B 148 8.53 14.76 -8.66
C ASN B 148 8.12 16.18 -8.34
N SER B 149 8.57 16.67 -7.18
CA SER B 149 8.50 18.12 -6.86
C SER B 149 7.05 18.60 -6.83
N ARG B 150 6.21 17.84 -6.15
CA ARG B 150 4.81 18.19 -6.01
C ARG B 150 4.44 18.45 -4.58
N VAL B 151 3.39 19.23 -4.40
CA VAL B 151 2.74 19.38 -3.08
C VAL B 151 1.28 19.06 -3.26
N ALA B 152 0.73 18.31 -2.30
CA ALA B 152 -0.69 17.95 -2.38
C ALA B 152 -1.33 18.39 -1.07
N ARG B 153 -2.66 18.56 -1.14
CA ARG B 153 -3.48 18.87 0.02
C ARG B 153 -4.51 17.78 0.19
N ILE B 154 -4.61 17.29 1.41
CA ILE B 154 -5.65 16.32 1.85
C ILE B 154 -6.69 17.04 2.67
N ARG B 155 -7.95 16.84 2.29
CA ARG B 155 -9.07 17.35 3.09
C ARG B 155 -9.34 16.35 4.19
N CYS B 156 -9.41 16.77 5.44
CA CYS B 156 -9.62 15.85 6.54
C CYS B 156 -11.10 15.52 6.74
N ASP B 157 -12.01 16.28 6.14
CA ASP B 157 -13.43 15.91 6.24
C ASP B 157 -13.71 14.57 5.55
N VAL B 158 -13.09 14.39 4.39
CA VAL B 158 -13.23 13.15 3.61
C VAL B 158 -11.97 12.26 3.59
N MET B 159 -10.85 12.74 4.13
CA MET B 159 -9.57 12.03 4.10
C MET B 159 -9.19 11.56 2.69
N LYS B 160 -9.23 12.50 1.76
CA LYS B 160 -8.77 12.32 0.40
C LYS B 160 -8.01 13.55 -0.07
N THR B 161 -7.09 13.34 -1.01
CA THR B 161 -6.37 14.42 -1.62
C THR B 161 -7.32 15.23 -2.48
N ASP B 162 -7.38 16.53 -2.28
CA ASP B 162 -8.23 17.41 -3.13
C ASP B 162 -7.53 18.34 -4.08
N LYS B 163 -6.24 18.61 -3.86
CA LYS B 163 -5.44 19.50 -4.71
C LYS B 163 -4.04 18.94 -4.83
N MET B 164 -3.44 19.15 -5.99
CA MET B 164 -2.07 18.77 -6.20
C MET B 164 -1.48 19.70 -7.21
N ILE B 165 -0.29 20.21 -6.88
CA ILE B 165 0.44 21.10 -7.78
C ILE B 165 1.89 20.67 -7.95
N THR B 166 2.42 20.89 -9.16
CA THR B 166 3.87 20.75 -9.39
C THR B 166 4.51 22.12 -9.16
N ILE B 167 5.53 22.14 -8.32
CA ILE B 167 6.24 23.41 -8.02
C ILE B 167 7.19 23.68 -9.18
N PRO B 168 7.06 24.85 -9.85
CA PRO B 168 7.93 25.16 -10.97
C PRO B 168 9.32 25.60 -10.51
N ASN B 169 10.27 25.51 -11.43
CA ASN B 169 11.62 26.13 -11.29
C ASN B 169 12.50 25.32 -10.31
N VAL B 170 12.06 24.20 -9.78
CA VAL B 170 12.78 23.48 -8.71
C VAL B 170 12.91 22.01 -9.05
N GLN B 171 13.80 21.34 -8.31
CA GLN B 171 13.89 19.89 -8.30
C GLN B 171 14.03 19.37 -6.88
N ALA B 172 13.11 18.48 -6.53
CA ALA B 172 13.12 17.75 -5.29
C ALA B 172 12.67 18.57 -4.08
N ILE B 173 11.40 18.48 -3.77
CA ILE B 173 10.88 19.23 -2.61
C ILE B 173 11.13 18.32 -1.41
N HIS B 174 11.96 18.76 -0.47
CA HIS B 174 12.27 17.97 0.73
C HIS B 174 11.45 18.43 1.93
N GLY B 175 11.92 19.41 2.67
CA GLY B 175 11.22 19.84 3.84
C GLY B 175 9.92 20.52 3.49
N LEU B 176 8.90 20.25 4.30
CA LEU B 176 7.63 20.91 4.24
C LEU B 176 7.12 21.09 5.66
N ARG B 177 6.66 22.30 5.98
CA ARG B 177 5.94 22.56 7.20
C ARG B 177 4.86 23.60 6.92
N VAL B 178 4.06 23.90 7.94
CA VAL B 178 3.00 24.90 7.84
C VAL B 178 3.33 26.11 8.69
N GLN B 179 2.85 27.26 8.25
CA GLN B 179 2.83 28.41 9.11
C GLN B 179 1.92 28.12 10.28
N LYS B 180 2.34 28.57 11.45
CA LYS B 180 1.65 28.27 12.69
C LYS B 180 0.71 29.39 13.12
N VAL B 181 1.18 30.63 12.95
CA VAL B 181 0.56 31.83 13.52
C VAL B 181 0.52 32.92 12.46
N PRO B 182 -0.57 33.66 12.35
CA PRO B 182 -1.81 33.53 13.12
C PRO B 182 -2.62 32.29 12.77
N TYR B 183 -2.34 31.70 11.61
CA TYR B 183 -2.91 30.44 11.16
C TYR B 183 -2.12 29.99 9.96
N THR B 184 -2.47 28.82 9.41
CA THR B 184 -1.76 28.33 8.23
C THR B 184 -2.21 29.11 6.97
N LYS B 185 -1.72 30.33 6.85
CA LYS B 185 -1.94 31.10 5.63
C LYS B 185 -1.07 30.50 4.54
N TYR B 186 0.18 30.18 4.88
CA TYR B 186 1.09 29.63 3.93
C TYR B 186 1.62 28.27 4.37
N VAL B 187 1.94 27.45 3.38
CA VAL B 187 2.71 26.22 3.57
C VAL B 187 4.09 26.50 2.98
N ILE B 188 5.14 26.06 3.67
CA ILE B 188 6.50 26.37 3.27
C ILE B 188 7.21 25.10 2.90
N CYS B 189 8.03 25.12 1.85
CA CYS B 189 8.75 23.91 1.51
C CYS B 189 9.99 24.23 0.71
N ASN B 190 10.97 23.32 0.71
CA ASN B 190 12.33 23.58 0.16
C ASN B 190 12.62 22.81 -1.11
N GLY B 191 13.16 23.45 -2.14
CA GLY B 191 13.80 22.71 -3.23
C GLY B 191 15.15 22.24 -2.75
N GLU B 192 15.42 20.95 -2.81
CA GLU B 192 16.69 20.42 -2.32
C GLU B 192 17.82 20.42 -3.33
N PHE B 193 17.51 20.23 -4.58
CA PHE B 193 18.58 20.11 -5.60
C PHE B 193 18.78 21.43 -6.31
N GLU B 194 19.88 21.53 -7.05
CA GLU B 194 20.36 22.77 -7.55
C GLU B 194 20.34 22.71 -9.08
N ILE B 195 19.58 23.60 -9.72
CA ILE B 195 19.40 23.57 -11.17
C ILE B 195 19.35 25.00 -11.73
N PRO B 196 19.64 25.17 -13.02
CA PRO B 196 19.48 26.48 -13.66
C PRO B 196 18.04 26.94 -13.65
N MET B 197 17.81 28.25 -13.51
CA MET B 197 16.48 28.82 -13.66
C MET B 197 15.97 28.70 -15.11
N ASN B 198 16.87 28.80 -16.10
CA ASN B 198 16.57 28.45 -17.46
C ASN B 198 17.25 27.10 -17.75
N ASN B 199 16.54 26.05 -17.37
CA ASN B 199 17.09 24.69 -17.43
C ASN B 199 16.74 24.08 -18.76
N ASP B 200 17.29 24.65 -19.83
CA ASP B 200 16.87 24.34 -21.17
C ASP B 200 17.80 23.37 -21.90
N GLY B 201 18.83 22.87 -21.25
CA GLY B 201 19.76 21.93 -21.88
C GLY B 201 20.74 22.57 -22.84
N LYS B 202 20.88 23.90 -22.77
CA LYS B 202 21.81 24.60 -23.66
C LYS B 202 22.96 25.11 -22.81
N ALA B 203 23.31 26.41 -22.84
CA ALA B 203 24.52 26.87 -22.18
C ALA B 203 24.57 26.69 -20.67
N SER B 204 23.41 26.66 -20.02
CA SER B 204 23.38 26.49 -18.57
C SER B 204 23.62 25.04 -18.12
N LEU B 205 23.55 24.06 -19.03
CA LEU B 205 23.52 22.65 -18.68
C LEU B 205 24.61 22.22 -17.73
N GLU B 206 25.86 22.57 -18.03
CA GLU B 206 27.01 22.19 -17.21
C GLU B 206 27.60 23.36 -16.43
N ASP B 207 26.90 24.51 -16.42
CA ASP B 207 27.40 25.72 -15.81
C ASP B 207 26.88 25.84 -14.40
N VAL B 208 27.65 25.31 -13.46
CA VAL B 208 27.19 25.21 -12.06
C VAL B 208 26.94 26.57 -11.42
N SER B 209 27.60 27.62 -11.92
CA SER B 209 27.36 28.97 -11.43
C SER B 209 25.92 29.46 -11.69
N THR B 210 25.19 28.81 -12.61
CA THR B 210 23.78 29.13 -12.83
C THR B 210 22.85 28.32 -11.91
N TYR B 211 23.34 27.29 -11.25
CA TYR B 211 22.44 26.40 -10.47
C TYR B 211 21.92 27.09 -9.20
N ARG B 212 20.63 26.92 -8.91
CA ARG B 212 20.00 27.51 -7.74
C ARG B 212 19.03 26.57 -7.11
N SER B 213 18.81 26.78 -5.81
CA SER B 213 17.69 26.19 -5.10
C SER B 213 16.75 27.30 -4.65
N LEU B 214 15.47 27.00 -4.63
CA LEU B 214 14.45 27.95 -4.24
C LEU B 214 13.66 27.47 -3.02
N PHE B 215 13.35 28.42 -2.15
CA PHE B 215 12.41 28.22 -1.04
C PHE B 215 11.03 28.60 -1.56
N ASN B 216 10.01 27.82 -1.22
CA ASN B 216 8.66 27.95 -1.79
C ASN B 216 7.61 28.25 -0.74
N VAL B 217 6.82 29.30 -0.99
CA VAL B 217 5.76 29.74 -0.07
C VAL B 217 4.44 29.59 -0.83
N ILE B 218 3.60 28.67 -0.36
CA ILE B 218 2.37 28.29 -1.02
C ILE B 218 1.20 28.85 -0.26
N ASP B 219 0.27 29.48 -0.95
CA ASP B 219 -1.00 29.88 -0.30
C ASP B 219 -1.79 28.60 -0.04
N ALA B 220 -2.00 28.32 1.23
CA ALA B 220 -2.56 27.03 1.68
C ALA B 220 -4.01 26.82 1.20
N GLU B 221 -4.81 27.90 1.32
CA GLU B 221 -6.23 27.84 0.97
C GLU B 221 -6.42 27.81 -0.54
N LYS B 222 -5.64 28.59 -1.27
CA LYS B 222 -5.70 28.57 -2.74
C LYS B 222 -5.02 27.34 -3.38
N MET B 223 -4.03 26.78 -2.68
CA MET B 223 -3.12 25.79 -3.24
C MET B 223 -2.49 26.28 -4.54
N GLU B 224 -1.87 27.45 -4.40
CA GLU B 224 -1.07 28.04 -5.50
CA GLU B 224 -1.14 28.14 -5.49
C GLU B 224 0.19 28.60 -4.87
N VAL B 225 1.28 28.57 -5.64
CA VAL B 225 2.56 29.14 -5.15
C VAL B 225 2.41 30.66 -5.06
N ALA B 226 2.57 31.23 -3.87
CA ALA B 226 2.51 32.65 -3.66
C ALA B 226 3.79 33.35 -4.14
N PHE B 227 4.92 32.82 -3.68
CA PHE B 227 6.22 33.29 -4.18
C PHE B 227 7.31 32.28 -3.85
N GLN B 228 8.44 32.49 -4.52
CA GLN B 228 9.64 31.72 -4.26
C GLN B 228 10.77 32.66 -3.86
N VAL B 229 11.74 32.13 -3.13
CA VAL B 229 12.91 32.91 -2.72
C VAL B 229 14.17 32.14 -3.15
N MET B 230 14.94 32.74 -4.06
CA MET B 230 16.19 32.17 -4.46
C MET B 230 17.21 32.38 -3.34
N VAL B 231 17.96 31.31 -3.03
CA VAL B 231 18.96 31.35 -1.98
C VAL B 231 20.34 30.97 -2.47
N ASP B 232 21.34 31.21 -1.62
CA ASP B 232 22.67 30.64 -1.80
C ASP B 232 22.67 29.28 -1.13
N GLY B 233 23.26 28.29 -1.77
CA GLY B 233 23.31 26.94 -1.20
C GLY B 233 22.04 26.21 -1.58
N ASN B 234 21.94 24.96 -1.14
CA ASN B 234 20.68 24.21 -1.28
C ASN B 234 19.81 24.37 -0.03
N LEU B 235 18.72 23.62 0.03
CA LEU B 235 17.82 23.65 1.16
C LEU B 235 17.47 22.21 1.57
N ASP B 236 17.21 22.00 2.85
CA ASP B 236 16.94 20.63 3.37
C ASP B 236 15.61 20.63 4.12
N ASN B 237 15.60 20.90 5.43
CA ASN B 237 14.36 20.94 6.21
C ASN B 237 13.99 22.38 6.52
N THR B 238 12.73 22.57 6.91
CA THR B 238 12.20 23.90 7.15
C THR B 238 11.30 23.90 8.38
N ASP B 239 11.13 25.08 8.97
CA ASP B 239 10.10 25.29 10.00
C ASP B 239 9.70 26.74 10.10
N ALA B 240 8.70 27.01 10.91
CA ALA B 240 8.15 28.35 11.08
C ALA B 240 8.16 28.70 12.56
N ASP B 241 8.16 30.01 12.83
CA ASP B 241 8.05 30.51 14.19
C ASP B 241 6.62 30.45 14.70
N TYR B 242 6.37 30.97 15.91
CA TYR B 242 5.02 31.13 16.46
C TYR B 242 4.54 32.58 16.47
N ASP B 243 5.03 33.39 15.54
CA ASP B 243 4.70 34.80 15.46
C ASP B 243 4.22 35.24 14.08
N GLY B 244 4.40 34.42 13.06
CA GLY B 244 4.08 34.86 11.71
C GLY B 244 5.10 35.79 11.08
N LYS B 245 6.33 35.81 11.60
CA LYS B 245 7.35 36.72 11.13
C LYS B 245 8.46 36.03 10.31
N TYR B 246 8.91 34.87 10.76
CA TYR B 246 10.03 34.19 10.15
C TYR B 246 9.77 32.73 9.81
N PHE B 247 10.38 32.32 8.70
CA PHE B 247 10.56 30.92 8.35
C PHE B 247 12.04 30.65 8.25
N PHE B 248 12.47 29.40 8.38
CA PHE B 248 13.90 29.12 8.40
C PHE B 248 14.17 27.71 7.91
N SER B 249 15.27 27.55 7.17
CA SER B 249 15.61 26.27 6.54
C SER B 249 17.07 25.91 6.73
N THR B 250 17.40 24.64 6.87
CA THR B 250 18.76 24.20 6.84
C THR B 250 19.23 24.06 5.39
N CYS B 251 20.54 24.14 5.27
CA CYS B 251 21.27 23.94 4.02
C CYS B 251 22.41 22.97 4.30
N TYR B 252 22.56 21.90 3.50
CA TYR B 252 23.75 21.03 3.62
C TYR B 252 24.81 21.25 2.57
N ASN B 253 24.44 21.87 1.46
CA ASN B 253 25.32 22.09 0.31
C ASN B 253 25.53 23.59 0.10
N SER B 254 26.07 24.26 1.12
CA SER B 254 26.45 25.67 0.96
C SER B 254 27.61 25.81 -0.03
N GLU B 255 28.31 24.71 -0.26
CA GLU B 255 29.46 24.63 -1.16
C GLU B 255 29.04 24.65 -2.62
N MET B 256 27.76 24.34 -2.91
CA MET B 256 27.28 24.11 -4.26
C MET B 256 28.11 23.01 -4.91
N GLY B 257 28.46 22.02 -4.13
CA GLY B 257 29.22 20.89 -4.63
C GLY B 257 28.40 19.97 -5.49
N MET B 258 29.07 19.31 -6.44
CA MET B 258 28.36 18.42 -7.35
C MET B 258 28.67 16.94 -7.08
N ASN B 259 29.40 16.65 -6.02
CA ASN B 259 29.64 15.29 -5.56
C ASN B 259 29.74 15.32 -4.07
N LEU B 260 29.72 14.14 -3.47
CA LEU B 260 29.68 14.00 -2.00
CA LEU B 260 29.64 14.04 -2.02
C LEU B 260 30.80 14.80 -1.37
N GLY B 261 32.03 14.57 -1.83
CA GLY B 261 33.18 15.20 -1.23
C GLY B 261 33.06 16.70 -1.18
N GLU B 262 32.61 17.29 -2.29
CA GLU B 262 32.40 18.75 -2.34
C GLU B 262 31.30 19.26 -1.41
N MET B 263 30.28 18.46 -1.20
CA MET B 263 29.15 18.84 -0.34
C MET B 263 29.48 18.75 1.15
N ILE B 264 30.58 18.09 1.53
CA ILE B 264 30.93 17.93 2.94
C ILE B 264 32.26 18.64 3.32
N THR B 265 32.75 19.53 2.47
CA THR B 265 34.01 20.24 2.74
C THR B 265 33.87 21.31 3.81
N ALA B 266 32.78 22.07 3.81
CA ALA B 266 32.64 23.19 4.73
C ALA B 266 32.42 22.73 6.14
N GLU B 267 33.16 23.30 7.11
CA GLU B 267 32.94 22.95 8.49
C GLU B 267 31.59 23.45 8.96
N ARG B 268 31.13 24.55 8.37
CA ARG B 268 29.79 25.08 8.65
C ARG B 268 29.08 25.38 7.39
N ASP B 269 27.82 24.90 7.29
CA ASP B 269 26.93 25.38 6.25
C ASP B 269 26.08 26.44 6.96
N HIS B 270 24.76 26.45 6.80
CA HIS B 270 23.97 27.51 7.43
C HIS B 270 22.51 27.15 7.57
N VAL B 271 21.83 27.97 8.35
CA VAL B 271 20.38 28.07 8.36
C VAL B 271 20.07 29.39 7.69
N VAL B 272 19.16 29.38 6.73
CA VAL B 272 18.73 30.60 6.09
C VAL B 272 17.39 31.00 6.69
N VAL B 273 17.30 32.24 7.12
CA VAL B 273 16.11 32.76 7.74
C VAL B 273 15.43 33.70 6.74
N PHE B 274 14.12 33.57 6.61
CA PHE B 274 13.33 34.34 5.65
C PHE B 274 12.43 35.30 6.43
N SER B 275 12.50 36.59 6.13
CA SER B 275 11.57 37.55 6.70
C SER B 275 10.33 37.67 5.84
N LEU B 276 9.20 37.19 6.37
CA LEU B 276 7.96 37.26 5.60
C LEU B 276 7.59 38.70 5.27
N GLU B 277 7.72 39.59 6.25
CA GLU B 277 7.34 41.02 6.04
C GLU B 277 8.17 41.63 4.91
N ARG B 278 9.48 41.38 4.94
CA ARG B 278 10.33 41.94 3.88
C ARG B 278 10.08 41.32 2.53
N CYS B 279 9.76 40.02 2.52
CA CYS B 279 9.42 39.38 1.25
C CYS B 279 8.12 39.95 0.65
N LEU B 280 7.11 40.14 1.49
CA LEU B 280 5.85 40.69 0.99
C LEU B 280 6.03 42.11 0.50
N ALA B 281 6.82 42.89 1.21
CA ALA B 281 7.12 44.27 0.76
C ALA B 281 7.85 44.28 -0.59
N ALA B 282 8.79 43.36 -0.78
CA ALA B 282 9.50 43.27 -2.06
C ALA B 282 8.59 42.90 -3.22
N LEU B 283 7.68 41.97 -2.97
CA LEU B 283 6.69 41.58 -3.95
C LEU B 283 5.80 42.76 -4.33
N LYS B 284 5.31 43.47 -3.33
CA LYS B 284 4.45 44.61 -3.58
C LYS B 284 5.17 45.74 -4.34
N ALA B 285 6.49 45.85 -4.14
CA ALA B 285 7.32 46.82 -4.85
C ALA B 285 7.76 46.34 -6.24
N GLY B 286 7.35 45.14 -6.64
CA GLY B 286 7.69 44.58 -7.94
C GLY B 286 9.12 44.06 -8.08
N LYS B 287 9.79 43.84 -6.95
CA LYS B 287 11.18 43.40 -6.95
C LYS B 287 11.25 41.89 -7.02
N PHE B 288 10.84 41.36 -8.17
CA PHE B 288 10.83 39.90 -8.41
C PHE B 288 11.07 39.64 -9.89
N THR B 289 11.39 38.40 -10.20
CA THR B 289 11.60 37.92 -11.56
C THR B 289 10.66 36.76 -11.83
N ASN B 290 10.20 36.64 -13.07
CA ASN B 290 9.51 35.41 -13.52
C ASN B 290 10.41 34.60 -14.42
N TYR B 291 10.41 33.28 -14.21
CA TYR B 291 11.19 32.35 -15.03
C TYR B 291 10.28 31.31 -15.67
N ASN B 292 10.82 30.68 -16.72
CA ASN B 292 10.20 29.54 -17.41
C ASN B 292 8.79 29.78 -17.97
N GLY B 293 8.49 31.02 -18.33
CA GLY B 293 7.18 31.36 -18.90
C GLY B 293 5.98 31.23 -17.96
N ASN B 294 6.22 31.01 -16.66
CA ASN B 294 5.15 31.01 -15.65
C ASN B 294 5.11 32.38 -14.96
N LYS B 295 4.13 32.57 -14.08
CA LYS B 295 3.88 33.85 -13.43
C LYS B 295 4.19 33.83 -11.93
N VAL B 296 4.95 32.83 -11.47
CA VAL B 296 5.33 32.77 -10.07
C VAL B 296 6.44 33.81 -9.82
N PRO B 297 6.24 34.74 -8.88
CA PRO B 297 7.30 35.74 -8.57
C PRO B 297 8.42 35.10 -7.77
N VAL B 298 9.65 35.25 -8.25
CA VAL B 298 10.83 34.77 -7.56
C VAL B 298 11.62 35.95 -7.00
N LEU B 299 11.83 35.92 -5.69
CA LEU B 299 12.57 36.98 -4.99
C LEU B 299 14.01 36.57 -4.86
N ASP B 300 14.91 37.56 -4.79
CA ASP B 300 16.31 37.27 -4.65
C ASP B 300 16.71 37.34 -3.19
N GLY B 301 16.90 36.17 -2.57
CA GLY B 301 17.32 36.04 -1.18
C GLY B 301 18.73 35.50 -0.99
N ARG B 302 19.58 35.69 -1.99
CA ARG B 302 20.98 35.32 -1.86
C ARG B 302 21.67 36.23 -0.88
N LYS B 303 22.88 35.87 -0.50
CA LYS B 303 23.64 36.68 0.40
C LYS B 303 23.86 38.05 -0.30
N GLY B 304 23.65 39.07 0.43
CA GLY B 304 23.61 40.40 -0.11
C GLY B 304 22.22 40.96 -0.04
N SER B 305 21.19 40.11 -0.06
CA SER B 305 19.80 40.53 0.02
CA SER B 305 19.82 40.60 0.00
C SER B 305 19.43 40.96 1.42
N ASP B 306 18.42 41.81 1.53
CA ASP B 306 17.85 42.11 2.84
C ASP B 306 16.67 41.23 3.21
N LEU B 307 16.30 40.30 2.35
CA LEU B 307 15.12 39.43 2.58
C LEU B 307 15.43 38.27 3.51
N THR B 308 16.71 37.90 3.56
CA THR B 308 17.18 36.72 4.24
C THR B 308 18.43 37.04 5.07
N ARG B 309 18.69 36.18 6.07
CA ARG B 309 19.94 36.16 6.81
C ARG B 309 20.40 34.73 6.97
N TYR B 310 21.72 34.54 6.95
CA TYR B 310 22.36 33.23 6.95
C TYR B 310 23.14 33.03 8.24
N ILE B 311 22.73 32.06 9.06
CA ILE B 311 23.39 31.77 10.33
C ILE B 311 24.31 30.56 10.09
N PRO B 312 25.63 30.70 10.27
CA PRO B 312 26.51 29.51 10.11
C PRO B 312 26.22 28.42 11.12
N VAL B 313 26.08 27.17 10.64
CA VAL B 313 25.75 26.03 11.48
C VAL B 313 26.58 24.85 11.00
N PRO B 314 27.28 24.17 11.93
CA PRO B 314 28.02 22.95 11.58
C PRO B 314 27.03 21.77 11.65
N LYS B 315 27.14 20.76 10.80
CA LYS B 315 27.98 20.65 9.60
C LYS B 315 27.15 19.80 8.65
N SER B 316 26.75 20.36 7.51
CA SER B 316 25.75 19.72 6.67
C SER B 316 24.51 19.38 7.47
N PRO B 317 23.96 20.36 8.22
CA PRO B 317 22.86 20.08 9.12
C PRO B 317 21.59 19.61 8.42
N HIS B 318 20.72 18.95 9.20
CA HIS B 318 19.51 18.33 8.66
C HIS B 318 18.24 18.94 9.24
N GLY B 319 17.74 18.42 10.37
CA GLY B 319 16.47 18.91 10.88
C GLY B 319 16.51 20.31 11.42
N ILE B 320 15.38 21.00 11.38
CA ILE B 320 15.27 22.30 12.00
C ILE B 320 13.88 22.38 12.60
N ASN B 321 13.82 22.61 13.91
CA ASN B 321 12.64 22.38 14.69
C ASN B 321 12.39 23.54 15.65
N THR B 322 11.19 24.11 15.61
CA THR B 322 10.78 25.19 16.50
C THR B 322 10.26 24.67 17.83
N ALA B 323 10.81 25.21 18.89
CA ALA B 323 10.35 24.87 20.25
C ALA B 323 8.92 25.37 20.49
N PRO B 324 8.12 24.63 21.28
CA PRO B 324 6.72 24.97 21.40
C PRO B 324 6.38 26.24 22.17
N ASP B 325 7.33 26.83 22.87
CA ASP B 325 7.12 28.15 23.46
C ASP B 325 7.44 29.28 22.48
N GLY B 326 7.86 28.93 21.28
CA GLY B 326 8.20 29.86 20.25
C GLY B 326 9.47 30.65 20.50
N LYS B 327 10.30 30.23 21.45
CA LYS B 327 11.48 31.02 21.83
CA LYS B 327 11.47 31.04 21.82
C LYS B 327 12.74 30.68 21.02
N TYR B 328 12.80 29.44 20.57
CA TYR B 328 14.01 28.89 19.97
C TYR B 328 13.65 28.00 18.82
N PHE B 329 14.61 27.85 17.92
CA PHE B 329 14.62 26.71 17.00
C PHE B 329 15.93 25.98 17.13
N VAL B 330 15.91 24.73 16.77
CA VAL B 330 17.09 23.87 16.92
C VAL B 330 17.44 23.34 15.56
N ALA B 331 18.67 23.54 15.13
CA ALA B 331 19.16 22.99 13.85
C ALA B 331 20.06 21.81 14.22
N ASN B 332 19.94 20.70 13.51
CA ASN B 332 20.57 19.46 13.94
C ASN B 332 21.84 19.21 13.14
N GLY B 333 22.94 18.96 13.85
CA GLY B 333 24.27 19.03 13.25
C GLY B 333 24.71 18.00 12.24
N LYS B 334 24.13 16.80 12.23
CA LYS B 334 24.49 15.72 11.32
C LYS B 334 25.96 15.31 11.38
N LEU B 335 26.82 15.93 10.56
CA LEU B 335 28.24 15.56 10.57
C LEU B 335 28.99 16.20 11.74
N SER B 336 28.36 17.18 12.40
CA SER B 336 28.88 17.71 13.66
C SER B 336 28.03 17.11 14.74
N PRO B 337 28.64 16.67 15.88
CA PRO B 337 27.90 15.97 16.90
C PRO B 337 27.14 16.92 17.83
N THR B 338 26.55 17.95 17.23
CA THR B 338 25.96 19.01 17.99
C THR B 338 24.59 19.35 17.41
N VAL B 339 23.87 20.15 18.18
CA VAL B 339 22.75 20.92 17.65
C VAL B 339 23.03 22.38 17.93
N SER B 340 22.47 23.27 17.10
CA SER B 340 22.63 24.71 17.26
C SER B 340 21.27 25.33 17.59
N VAL B 341 21.23 26.07 18.69
CA VAL B 341 19.99 26.63 19.21
C VAL B 341 19.99 28.14 18.98
N VAL B 342 18.98 28.60 18.25
CA VAL B 342 18.82 29.99 17.88
C VAL B 342 17.68 30.59 18.67
N GLU B 343 17.93 31.77 19.25
CA GLU B 343 16.88 32.48 19.96
C GLU B 343 16.10 33.34 18.96
N ILE B 344 14.83 33.00 18.77
CA ILE B 344 14.01 33.65 17.77
C ILE B 344 13.91 35.17 17.98
N ALA B 345 13.82 35.62 19.22
CA ALA B 345 13.77 37.04 19.52
C ALA B 345 15.00 37.81 19.08
N ARG B 346 16.13 37.15 18.84
CA ARG B 346 17.32 37.82 18.29
C ARG B 346 17.33 38.02 16.77
N LEU B 347 16.39 37.41 16.05
CA LEU B 347 16.38 37.49 14.60
C LEU B 347 16.19 38.92 14.08
N ASP B 348 15.31 39.70 14.68
CA ASP B 348 15.14 41.09 14.28
C ASP B 348 16.47 41.88 14.30
N ASP B 349 17.28 41.63 15.32
CA ASP B 349 18.60 42.28 15.45
C ASP B 349 19.59 41.80 14.38
N VAL B 350 19.45 40.56 13.91
CA VAL B 350 20.28 40.07 12.83
C VAL B 350 19.86 40.78 11.54
N PHE B 351 18.56 40.89 11.29
CA PHE B 351 18.02 41.58 10.12
C PHE B 351 18.33 43.08 10.09
N SER B 352 18.39 43.71 11.27
CA SER B 352 18.71 45.15 11.34
C SER B 352 20.23 45.40 11.32
N GLY B 353 21.04 44.35 11.45
CA GLY B 353 22.50 44.47 11.51
C GLY B 353 23.05 44.91 12.85
N LYS B 354 22.24 44.89 13.89
CA LYS B 354 22.68 45.22 15.25
C LYS B 354 23.62 44.17 15.83
N ILE B 355 23.36 42.91 15.49
CA ILE B 355 24.24 41.79 15.86
C ILE B 355 24.56 40.99 14.61
N GLN B 356 25.58 40.13 14.70
CA GLN B 356 25.96 39.25 13.59
C GLN B 356 25.10 38.00 13.63
N PRO B 357 24.96 37.30 12.51
CA PRO B 357 24.11 36.10 12.52
C PRO B 357 24.49 35.06 13.58
N ARG B 358 25.79 34.78 13.77
CA ARG B 358 26.20 33.84 14.86
C ARG B 358 25.81 34.30 16.26
N ASP B 359 25.59 35.61 16.44
CA ASP B 359 25.14 36.11 17.74
C ASP B 359 23.72 35.68 18.12
N ALA B 360 22.96 35.18 17.16
CA ALA B 360 21.64 34.61 17.44
C ALA B 360 21.69 33.20 18.05
N ILE B 361 22.86 32.55 17.95
CA ILE B 361 23.04 31.25 18.59
C ILE B 361 23.20 31.43 20.09
N VAL B 362 22.39 30.73 20.85
CA VAL B 362 22.44 30.76 22.33
C VAL B 362 22.89 29.45 22.98
N ALA B 363 22.97 28.36 22.19
CA ALA B 363 23.55 27.10 22.67
C ALA B 363 23.97 26.28 21.48
N GLU B 364 25.00 25.46 21.67
CA GLU B 364 25.45 24.58 20.61
C GLU B 364 25.98 23.30 21.27
N PRO B 365 25.10 22.59 22.00
CA PRO B 365 25.59 21.47 22.80
C PRO B 365 26.02 20.25 21.99
N GLU B 366 27.10 19.60 22.43
CA GLU B 366 27.49 18.31 21.92
C GLU B 366 26.57 17.28 22.53
N LEU B 367 26.02 16.41 21.69
CA LEU B 367 25.04 15.40 22.12
C LEU B 367 25.47 13.99 21.80
N GLY B 368 26.12 13.80 20.66
CA GLY B 368 26.45 12.48 20.16
C GLY B 368 26.57 12.43 18.65
N LEU B 369 26.81 11.22 18.12
CA LEU B 369 27.20 11.09 16.72
C LEU B 369 25.96 10.99 15.81
N GLY B 370 25.94 11.88 14.81
CA GLY B 370 24.85 11.98 13.82
C GLY B 370 23.52 12.56 14.26
N PRO B 371 23.51 13.72 14.91
CA PRO B 371 22.21 14.35 15.25
C PRO B 371 21.42 14.77 14.04
N LEU B 372 20.17 14.30 13.93
CA LEU B 372 19.39 14.57 12.73
C LEU B 372 18.15 15.40 12.96
N HIS B 373 17.49 15.26 14.11
CA HIS B 373 16.15 15.82 14.26
C HIS B 373 15.84 15.95 15.72
N THR B 374 15.10 16.99 16.06
CA THR B 374 14.74 17.30 17.43
C THR B 374 13.22 17.50 17.61
N ALA B 375 12.69 16.90 18.67
CA ALA B 375 11.30 17.10 19.13
C ALA B 375 11.33 17.62 20.55
N PHE B 376 10.20 18.11 21.03
CA PHE B 376 10.14 18.78 22.33
C PHE B 376 9.01 18.29 23.18
N ASP B 377 9.23 18.23 24.48
CA ASP B 377 8.10 17.98 25.42
C ASP B 377 7.49 19.33 25.86
N ASN B 378 6.63 19.31 26.88
CA ASN B 378 5.99 20.50 27.43
C ASN B 378 6.70 21.01 28.68
N LYS B 379 7.96 20.64 28.85
CA LYS B 379 8.69 20.92 30.07
C LYS B 379 10.05 21.56 29.83
N GLY B 380 10.32 22.03 28.61
CA GLY B 380 11.61 22.60 28.32
C GLY B 380 12.71 21.65 27.89
N ASN B 381 12.37 20.39 27.67
CA ASN B 381 13.34 19.40 27.21
C ASN B 381 13.17 19.11 25.73
N ALA B 382 14.22 18.54 25.17
CA ALA B 382 14.34 18.27 23.75
C ALA B 382 14.83 16.83 23.60
N PHE B 383 14.41 16.20 22.52
CA PHE B 383 14.75 14.81 22.20
C PHE B 383 15.34 14.84 20.83
N THR B 384 16.64 14.49 20.71
CA THR B 384 17.36 14.55 19.46
C THR B 384 17.78 13.15 19.03
N THR B 385 17.50 12.80 17.80
CA THR B 385 17.94 11.53 17.26
C THR B 385 19.43 11.55 16.96
N LEU B 386 20.12 10.47 17.34
CA LEU B 386 21.53 10.28 17.02
C LEU B 386 21.62 9.06 16.10
N PHE B 387 21.76 9.33 14.82
CA PHE B 387 21.71 8.32 13.77
C PHE B 387 22.82 7.28 13.97
N LEU B 388 24.03 7.76 14.20
CA LEU B 388 25.19 6.85 14.23
C LEU B 388 25.28 6.17 15.58
N ASP B 389 25.01 6.90 16.66
CA ASP B 389 24.99 6.25 17.99
C ASP B 389 23.76 5.39 18.21
N SER B 390 22.74 5.55 17.36
CA SER B 390 21.49 4.83 17.43
C SER B 390 20.81 5.01 18.80
N GLN B 391 20.67 6.28 19.19
CA GLN B 391 20.06 6.66 20.46
C GLN B 391 19.21 7.90 20.25
N ILE B 392 18.36 8.15 21.23
CA ILE B 392 17.73 9.45 21.43
C ILE B 392 18.42 10.12 22.62
N ALA B 393 18.82 11.36 22.44
CA ALA B 393 19.40 12.15 23.50
C ALA B 393 18.33 13.10 24.04
N LYS B 394 17.97 12.95 25.32
CA LYS B 394 17.09 13.88 26.03
C LYS B 394 17.94 14.92 26.73
N TRP B 395 17.70 16.19 26.41
CA TRP B 395 18.50 17.29 26.96
C TRP B 395 17.60 18.47 27.32
N ASN B 396 18.11 19.34 28.19
CA ASN B 396 17.31 20.46 28.67
C ASN B 396 17.86 21.73 28.06
N ILE B 397 16.97 22.53 27.44
CA ILE B 397 17.37 23.67 26.62
C ILE B 397 18.04 24.75 27.49
N GLN B 398 17.40 25.07 28.63
CA GLN B 398 17.97 26.16 29.47
C GLN B 398 19.33 25.80 30.00
N ASP B 399 19.51 24.53 30.37
CA ASP B 399 20.81 24.08 30.85
C ASP B 399 21.87 24.09 29.74
N ALA B 400 21.45 23.76 28.51
CA ALA B 400 22.38 23.86 27.38
C ALA B 400 22.82 25.32 27.13
N ILE B 401 21.91 26.27 27.39
CA ILE B 401 22.23 27.69 27.29
C ILE B 401 23.23 28.10 28.37
N LYS B 402 22.98 27.67 29.60
CA LYS B 402 23.90 27.94 30.70
C LYS B 402 25.29 27.38 30.36
N ALA B 403 25.34 26.16 29.82
CA ALA B 403 26.60 25.53 29.49
C ALA B 403 27.35 26.27 28.38
N TYR B 404 26.64 26.81 27.41
CA TYR B 404 27.23 27.61 26.34
C TYR B 404 27.80 28.90 26.93
N ASN B 405 27.15 29.42 27.97
CA ASN B 405 27.63 30.60 28.69
C ASN B 405 28.81 30.35 29.63
N GLY B 406 29.26 29.11 29.76
CA GLY B 406 30.45 28.73 30.53
C GLY B 406 30.15 28.10 31.88
N GLU B 407 28.88 27.95 32.22
CA GLU B 407 28.55 27.34 33.50
C GLU B 407 28.81 25.85 33.44
N LYS B 408 29.27 25.30 34.55
CA LYS B 408 29.57 23.90 34.63
C LYS B 408 28.27 23.23 35.01
N VAL B 409 27.42 22.94 34.03
CA VAL B 409 26.11 22.34 34.32
C VAL B 409 25.80 21.27 33.30
N ASN B 410 25.27 20.12 33.74
CA ASN B 410 24.93 19.02 32.84
C ASN B 410 23.57 19.32 32.18
N TYR B 411 23.52 19.34 30.86
CA TYR B 411 22.26 19.54 30.12
C TYR B 411 21.69 18.21 29.63
N LEU B 412 22.52 17.17 29.58
CA LEU B 412 22.06 15.88 29.07
C LEU B 412 21.34 15.11 30.14
N ARG B 413 20.07 14.78 29.90
CA ARG B 413 19.26 14.09 30.91
C ARG B 413 19.32 12.58 30.79
N GLN B 414 19.27 12.06 29.56
CA GLN B 414 19.21 10.61 29.35
C GLN B 414 19.52 10.31 27.91
N LYS B 415 20.13 9.16 27.67
CA LYS B 415 20.23 8.60 26.30
C LYS B 415 19.54 7.27 26.27
N LEU B 416 18.70 7.05 25.29
CA LEU B 416 17.93 5.80 25.15
C LEU B 416 18.39 5.14 23.88
N ASP B 417 18.78 3.87 23.98
CA ASP B 417 19.11 3.07 22.80
C ASP B 417 17.85 2.80 21.99
N VAL B 418 17.91 3.07 20.68
CA VAL B 418 16.80 2.77 19.76
C VAL B 418 17.33 1.85 18.68
N HIS B 419 16.40 1.22 17.95
CA HIS B 419 16.74 0.05 17.14
C HIS B 419 16.15 0.07 15.73
N TYR B 420 16.90 0.55 14.73
CA TYR B 420 18.26 1.13 14.83
C TYR B 420 18.34 2.26 13.84
N GLN B 421 19.24 3.23 14.09
CA GLN B 421 19.54 4.28 13.12
C GLN B 421 18.34 5.23 12.94
N PRO B 422 18.06 6.00 13.99
CA PRO B 422 16.92 6.92 13.94
C PRO B 422 17.09 8.10 12.99
N GLY B 423 16.02 8.44 12.27
CA GLY B 423 15.93 9.66 11.44
C GLY B 423 15.18 10.72 12.21
N HIS B 424 13.92 10.87 11.95
CA HIS B 424 13.11 11.89 12.65
C HIS B 424 12.49 11.31 13.92
N ASN B 425 12.16 12.18 14.86
CA ASN B 425 11.35 11.81 15.99
C ASN B 425 10.37 12.91 16.31
N HIS B 426 9.22 12.51 16.88
CA HIS B 426 8.09 13.41 17.01
C HIS B 426 7.37 13.15 18.31
N THR B 427 6.86 14.21 18.93
CA THR B 427 6.14 14.04 20.19
C THR B 427 4.67 14.34 19.98
N SER B 428 3.82 13.86 20.87
CA SER B 428 2.39 14.04 20.70
C SER B 428 2.03 15.53 20.81
N GLN B 429 1.44 16.06 19.74
CA GLN B 429 1.10 17.48 19.64
CA GLN B 429 1.13 17.48 19.55
C GLN B 429 2.34 18.38 19.72
N GLY B 430 3.54 17.80 19.51
CA GLY B 430 4.81 18.50 19.74
C GLY B 430 5.14 19.69 18.86
N GLU B 431 4.51 19.83 17.72
CA GLU B 431 4.77 20.95 16.79
C GLU B 431 3.74 22.08 16.92
N THR B 432 3.04 22.04 18.05
CA THR B 432 1.98 23.01 18.37
C THR B 432 2.07 23.42 19.84
N ARG B 433 1.28 24.44 20.18
CA ARG B 433 1.22 24.93 21.54
CA ARG B 433 1.21 24.93 21.52
C ARG B 433 0.60 23.90 22.49
N ASP B 434 -0.09 22.89 21.96
CA ASP B 434 -0.76 21.87 22.71
C ASP B 434 0.15 20.67 23.05
N THR B 435 1.45 20.76 22.79
CA THR B 435 2.41 19.72 23.20
C THR B 435 2.09 19.25 24.61
N ASP B 436 1.98 17.93 24.78
CA ASP B 436 1.51 17.39 26.06
C ASP B 436 2.51 16.51 26.83
N GLY B 437 3.67 16.25 26.23
CA GLY B 437 4.71 15.50 26.88
C GLY B 437 4.38 14.03 27.11
N LYS B 438 3.44 13.46 26.35
CA LYS B 438 2.99 12.08 26.62
C LYS B 438 3.79 11.03 25.84
N TRP B 439 3.91 11.20 24.52
CA TRP B 439 4.49 10.21 23.62
C TRP B 439 5.57 10.77 22.73
N LEU B 440 6.56 9.93 22.46
CA LEU B 440 7.63 10.20 21.55
C LEU B 440 7.64 9.01 20.58
N VAL B 441 7.65 9.29 19.28
CA VAL B 441 7.80 8.27 18.25
CA VAL B 441 7.79 8.28 18.21
C VAL B 441 9.08 8.54 17.47
N VAL B 442 9.86 7.47 17.25
CA VAL B 442 11.16 7.54 16.61
C VAL B 442 11.13 6.70 15.36
N LEU B 443 11.54 7.25 14.24
CA LEU B 443 11.51 6.59 12.92
C LEU B 443 12.88 6.01 12.60
N CYS B 444 13.07 4.75 12.98
CA CYS B 444 14.37 4.07 12.81
C CYS B 444 14.44 3.44 11.44
N LYS B 445 15.58 3.60 10.78
CA LYS B 445 15.75 3.19 9.41
C LYS B 445 16.17 1.72 9.19
N PHE B 446 16.74 1.05 10.17
CA PHE B 446 17.19 -0.33 10.00
C PHE B 446 16.65 -1.13 11.17
N SER B 447 15.81 -2.12 10.90
CA SER B 447 15.20 -2.90 11.96
C SER B 447 16.00 -4.12 12.36
N LYS B 448 16.91 -4.58 11.53
CA LYS B 448 17.86 -5.66 11.87
C LYS B 448 17.11 -6.87 12.47
N ASP B 449 17.37 -7.17 13.74
CA ASP B 449 16.84 -8.35 14.45
C ASP B 449 15.52 -8.11 15.19
N ARG B 450 14.85 -6.98 14.96
CA ARG B 450 13.72 -6.59 15.83
C ARG B 450 12.41 -7.32 15.47
N PHE B 451 12.32 -7.84 14.24
CA PHE B 451 11.12 -8.59 13.77
C PHE B 451 11.52 -9.87 13.08
N LEU B 452 10.55 -10.76 12.88
CA LEU B 452 10.82 -11.96 12.14
C LEU B 452 11.42 -11.58 10.79
N PRO B 453 12.36 -12.41 10.28
CA PRO B 453 12.97 -12.09 9.02
C PRO B 453 12.00 -12.26 7.82
N VAL B 454 12.04 -11.36 6.83
CA VAL B 454 11.13 -11.36 5.70
C VAL B 454 11.88 -11.25 4.38
N GLY B 455 13.18 -11.56 4.36
CA GLY B 455 13.89 -11.49 3.09
C GLY B 455 14.84 -10.33 2.98
N PRO B 456 15.37 -10.08 1.78
CA PRO B 456 16.39 -9.03 1.61
C PRO B 456 15.85 -7.59 1.81
N LEU B 457 14.57 -7.36 1.80
CA LEU B 457 14.01 -6.06 2.10
C LEU B 457 13.34 -6.16 3.43
N ARG B 458 13.77 -5.34 4.39
CA ARG B 458 13.22 -5.34 5.75
CA ARG B 458 13.22 -5.39 5.76
C ARG B 458 12.36 -4.14 6.08
N PRO B 459 11.40 -4.30 7.01
CA PRO B 459 10.68 -3.11 7.44
C PRO B 459 11.56 -2.15 8.22
N GLU B 460 11.09 -0.91 8.31
CA GLU B 460 11.66 0.06 9.25
C GLU B 460 11.01 -0.19 10.61
N ASN B 461 11.51 0.48 11.63
CA ASN B 461 10.98 0.30 12.96
C ASN B 461 10.57 1.63 13.54
N ASP B 462 9.28 1.86 13.62
CA ASP B 462 8.75 3.04 14.32
C ASP B 462 8.56 2.70 15.78
N GLN B 463 9.33 3.33 16.65
CA GLN B 463 9.33 2.97 18.07
C GLN B 463 8.58 4.00 18.88
N LEU B 464 7.66 3.51 19.68
CA LEU B 464 6.86 4.36 20.58
C LEU B 464 7.48 4.35 21.97
N ILE B 465 7.73 5.55 22.49
CA ILE B 465 8.38 5.76 23.77
C ILE B 465 7.49 6.61 24.66
N ASP B 466 7.29 6.13 25.88
CA ASP B 466 6.52 6.83 26.92
C ASP B 466 7.43 7.86 27.53
N ILE B 467 7.10 9.14 27.35
CA ILE B 467 7.90 10.22 27.90
C ILE B 467 7.13 10.94 29.02
N SER B 468 6.00 10.36 29.40
CA SER B 468 5.11 11.01 30.38
C SER B 468 5.64 11.08 31.81
N GLY B 469 6.63 10.25 32.14
CA GLY B 469 7.17 10.25 33.47
C GLY B 469 8.47 10.98 33.52
N ASP B 470 8.80 11.67 32.42
CA ASP B 470 10.01 12.41 32.33
C ASP B 470 11.14 11.42 32.41
N GLU B 471 10.92 10.18 32.01
CA GLU B 471 12.01 9.24 32.04
C GLU B 471 11.67 8.19 31.00
N MET B 472 12.42 8.15 29.92
CA MET B 472 11.88 7.54 28.69
CA MET B 472 11.98 7.55 28.64
C MET B 472 11.87 6.03 28.66
N LYS B 473 10.75 5.45 28.26
CA LYS B 473 10.57 4.01 28.33
C LYS B 473 10.04 3.54 27.01
N LEU B 474 10.79 2.63 26.37
CA LEU B 474 10.36 2.06 25.07
C LEU B 474 9.24 1.09 25.27
N VAL B 475 8.12 1.27 24.60
CA VAL B 475 6.95 0.42 24.80
C VAL B 475 6.47 -0.36 23.57
N HIS B 476 6.85 0.03 22.35
CA HIS B 476 6.35 -0.67 21.15
C HIS B 476 7.29 -0.48 19.99
N ASP B 477 7.61 -1.61 19.33
CA ASP B 477 8.28 -1.64 18.03
C ASP B 477 7.25 -1.85 16.92
N GLY B 478 7.12 -0.87 16.05
CA GLY B 478 6.15 -0.91 14.96
C GLY B 478 6.83 -1.08 13.62
N PRO B 479 6.70 -2.28 13.01
CA PRO B 479 7.28 -2.42 11.67
C PRO B 479 6.50 -1.59 10.66
N THR B 480 7.22 -0.89 9.78
CA THR B 480 6.57 -0.04 8.79
CA THR B 480 6.60 -0.01 8.83
C THR B 480 7.21 -0.21 7.44
N PHE B 481 6.42 0.06 6.40
CA PHE B 481 6.81 -0.17 5.02
C PHE B 481 7.26 1.12 4.34
N ALA B 482 8.37 1.02 3.63
CA ALA B 482 8.83 2.04 2.67
C ALA B 482 9.36 3.34 3.34
N GLU B 483 9.87 3.21 4.56
CA GLU B 483 10.66 4.23 5.20
CA GLU B 483 10.67 4.25 5.22
C GLU B 483 9.94 5.57 5.36
N PRO B 484 8.90 5.61 6.20
CA PRO B 484 8.32 6.92 6.48
C PRO B 484 9.39 7.93 6.91
N HIS B 485 9.29 9.13 6.33
CA HIS B 485 10.30 10.17 6.63
C HIS B 485 9.99 11.00 7.87
N ASP B 486 8.71 11.15 8.17
CA ASP B 486 8.25 12.17 9.09
C ASP B 486 6.81 11.89 9.41
N CYS B 487 6.33 12.40 10.53
CA CYS B 487 4.93 12.22 10.91
C CYS B 487 4.54 13.30 11.89
N MET B 488 3.25 13.35 12.17
CA MET B 488 2.69 14.27 13.14
C MET B 488 1.58 13.59 13.91
N ILE B 489 1.37 14.05 15.14
CA ILE B 489 0.44 13.42 16.07
C ILE B 489 -0.50 14.51 16.60
N VAL B 490 -1.80 14.33 16.35
CA VAL B 490 -2.85 15.32 16.74
C VAL B 490 -3.89 14.63 17.60
N HIS B 491 -4.35 15.29 18.65
CA HIS B 491 -5.38 14.72 19.50
C HIS B 491 -6.69 14.49 18.72
N ARG B 492 -7.36 13.41 19.05
CA ARG B 492 -8.60 13.04 18.33
C ARG B 492 -9.69 14.12 18.35
N SER B 493 -9.70 14.94 19.39
CA SER B 493 -10.72 16.00 19.50
C SER B 493 -10.60 17.07 18.44
N LYS B 494 -9.44 17.15 17.80
CA LYS B 494 -9.19 18.19 16.81
C LYS B 494 -9.52 17.77 15.39
N VAL B 495 -9.88 16.51 15.18
CA VAL B 495 -10.12 16.01 13.85
C VAL B 495 -11.51 15.39 13.85
N LYS B 496 -12.36 15.81 12.93
CA LYS B 496 -13.77 15.36 12.89
C LYS B 496 -14.19 15.07 11.46
N PRO B 497 -13.90 13.87 10.94
CA PRO B 497 -14.24 13.56 9.58
C PRO B 497 -15.74 13.33 9.37
N GLN B 498 -16.20 13.42 8.14
CA GLN B 498 -17.61 13.14 7.87
C GLN B 498 -17.84 11.69 7.58
N LYS B 499 -19.10 11.28 7.61
CA LYS B 499 -19.45 9.88 7.41
C LYS B 499 -19.90 9.59 6.01
N LEU B 500 -20.55 10.55 5.37
CA LEU B 500 -21.03 10.36 4.04
C LEU B 500 -20.53 11.48 3.13
N TRP B 501 -20.29 11.18 1.87
CA TRP B 501 -20.11 12.23 0.86
C TRP B 501 -21.40 13.00 0.66
N THR B 502 -21.29 14.18 0.07
CA THR B 502 -22.47 14.95 -0.36
C THR B 502 -22.42 15.18 -1.87
N ARG B 503 -23.60 15.33 -2.47
CA ARG B 503 -23.71 15.36 -3.91
C ARG B 503 -23.06 16.57 -4.60
N ASP B 504 -22.88 17.66 -3.86
CA ASP B 504 -22.25 18.87 -4.35
C ASP B 504 -20.74 18.87 -4.15
N ASP B 505 -20.11 17.73 -3.79
CA ASP B 505 -18.72 17.79 -3.43
C ASP B 505 -17.87 18.20 -4.64
N PRO B 506 -16.92 19.12 -4.45
CA PRO B 506 -16.14 19.57 -5.62
C PRO B 506 -15.30 18.48 -6.23
N MET B 507 -15.03 17.41 -5.52
CA MET B 507 -14.11 16.40 -6.01
C MET B 507 -14.68 15.59 -7.16
N PHE B 508 -16.01 15.55 -7.31
CA PHE B 508 -16.61 14.94 -8.50
C PHE B 508 -17.55 15.89 -9.26
N ALA B 509 -17.41 17.20 -9.02
CA ALA B 509 -18.21 18.21 -9.68
C ALA B 509 -18.04 18.24 -11.21
N ASP B 510 -16.85 18.00 -11.76
CA ASP B 510 -16.70 17.97 -13.23
C ASP B 510 -17.45 16.76 -13.81
N THR B 511 -17.47 15.64 -13.10
CA THR B 511 -18.22 14.49 -13.57
C THR B 511 -19.72 14.75 -13.53
N VAL B 512 -20.18 15.44 -12.50
CA VAL B 512 -21.58 15.88 -12.43
C VAL B 512 -21.95 16.79 -13.60
N ALA B 513 -21.05 17.70 -13.89
CA ALA B 513 -21.26 18.66 -14.98
C ALA B 513 -21.33 17.91 -16.32
N MET B 514 -20.52 16.89 -16.51
CA MET B 514 -20.55 16.07 -17.74
C MET B 514 -21.88 15.36 -17.85
N ALA B 515 -22.35 14.79 -16.75
CA ALA B 515 -23.66 14.12 -16.72
C ALA B 515 -24.77 15.12 -17.10
N LYS B 516 -24.69 16.32 -16.57
CA LYS B 516 -25.74 17.36 -16.82
C LYS B 516 -25.79 17.71 -18.31
N GLN B 517 -24.62 17.83 -18.96
CA GLN B 517 -24.56 18.12 -20.39
CA GLN B 517 -24.57 18.13 -20.40
C GLN B 517 -25.21 17.01 -21.22
N ASP B 518 -25.12 15.78 -20.72
CA ASP B 518 -25.79 14.63 -21.33
C ASP B 518 -27.26 14.49 -20.98
N GLY B 519 -27.78 15.36 -20.12
CA GLY B 519 -29.17 15.27 -19.66
C GLY B 519 -29.40 14.21 -18.60
N VAL B 520 -28.35 13.83 -17.87
CA VAL B 520 -28.40 12.75 -16.91
C VAL B 520 -28.48 13.31 -15.49
N THR B 521 -29.39 12.75 -14.71
CA THR B 521 -29.50 13.06 -13.31
C THR B 521 -28.91 11.84 -12.57
N LEU B 522 -27.77 12.04 -11.91
CA LEU B 522 -26.99 10.92 -11.35
C LEU B 522 -27.69 10.21 -10.22
N GLU B 523 -28.59 10.91 -9.53
CA GLU B 523 -29.29 10.35 -8.37
C GLU B 523 -30.41 9.42 -8.83
N MET B 524 -30.77 9.46 -10.11
CA MET B 524 -31.92 8.72 -10.61
C MET B 524 -31.67 7.76 -11.74
N ASP B 525 -30.71 8.10 -12.62
CA ASP B 525 -30.66 7.53 -13.97
C ASP B 525 -29.72 6.37 -14.17
N ASN B 526 -30.18 5.42 -15.00
CA ASN B 526 -29.36 4.34 -15.51
C ASN B 526 -29.48 4.45 -17.00
N LYS B 527 -28.46 5.03 -17.61
CA LYS B 527 -28.49 5.42 -19.03
C LYS B 527 -27.18 5.15 -19.73
N VAL B 528 -27.24 4.82 -21.01
CA VAL B 528 -26.08 4.70 -21.88
C VAL B 528 -26.14 5.81 -22.93
N ILE B 529 -25.13 6.67 -22.93
CA ILE B 529 -25.03 7.79 -23.88
C ILE B 529 -24.01 7.41 -24.91
N ARG B 530 -24.36 7.52 -26.18
CA ARG B 530 -23.46 7.15 -27.26
C ARG B 530 -23.09 8.43 -28.00
N ASP B 531 -21.80 8.64 -28.15
CA ASP B 531 -21.23 9.86 -28.72
C ASP B 531 -20.15 9.39 -29.70
N GLY B 532 -20.61 8.90 -30.84
CA GLY B 532 -19.71 8.35 -31.84
C GLY B 532 -19.06 7.06 -31.34
N ASN B 533 -17.73 7.05 -31.21
CA ASN B 533 -17.04 5.86 -30.66
CA ASN B 533 -17.01 5.89 -30.66
C ASN B 533 -16.78 6.00 -29.16
N LYS B 534 -17.33 7.06 -28.55
CA LYS B 534 -17.38 7.19 -27.09
C LYS B 534 -18.72 6.75 -26.55
N VAL B 535 -18.68 6.06 -25.39
CA VAL B 535 -19.87 5.59 -24.70
C VAL B 535 -19.73 6.00 -23.24
N ARG B 536 -20.76 6.65 -22.72
CA ARG B 536 -20.77 7.07 -21.35
C ARG B 536 -21.93 6.34 -20.68
N VAL B 537 -21.58 5.48 -19.72
CA VAL B 537 -22.52 4.59 -19.05
C VAL B 537 -22.71 5.12 -17.65
N TYR B 538 -23.91 5.56 -17.35
CA TYR B 538 -24.23 6.10 -16.01
C TYR B 538 -25.07 5.08 -15.28
N MET B 539 -24.57 4.57 -14.18
CA MET B 539 -25.28 3.58 -13.41
C MET B 539 -25.32 3.92 -11.95
N THR B 540 -26.45 3.63 -11.33
CA THR B 540 -26.57 3.69 -9.89
C THR B 540 -26.18 2.40 -9.22
N SER B 541 -25.94 2.50 -7.93
CA SER B 541 -25.70 1.30 -7.14
C SER B 541 -26.35 1.43 -5.77
N ILE B 542 -27.16 0.44 -5.39
CA ILE B 542 -27.75 0.34 -4.04
C ILE B 542 -27.57 -1.14 -3.69
N ALA B 543 -26.71 -1.42 -2.72
CA ALA B 543 -26.36 -2.82 -2.44
C ALA B 543 -27.63 -3.67 -2.27
N PRO B 544 -27.75 -4.84 -2.90
CA PRO B 544 -26.73 -5.55 -3.70
C PRO B 544 -26.91 -5.46 -5.21
N ASN B 545 -27.36 -4.31 -5.70
CA ASN B 545 -27.66 -4.18 -7.12
C ASN B 545 -27.09 -2.96 -7.79
N PHE B 546 -26.44 -3.18 -8.92
CA PHE B 546 -26.24 -2.09 -9.90
C PHE B 546 -27.56 -1.84 -10.55
N GLY B 547 -27.73 -0.64 -11.09
CA GLY B 547 -28.97 -0.26 -11.76
C GLY B 547 -29.12 -0.72 -13.19
N MET B 548 -28.12 -1.44 -13.71
CA MET B 548 -28.12 -1.99 -15.06
C MET B 548 -27.54 -3.40 -14.94
N ASN B 549 -28.16 -4.39 -15.55
CA ASN B 549 -27.64 -5.76 -15.54
C ASN B 549 -26.76 -6.06 -16.74
N GLU B 550 -26.88 -5.27 -17.79
CA GLU B 550 -26.06 -5.41 -18.98
C GLU B 550 -26.09 -4.14 -19.80
N PHE B 551 -25.05 -3.93 -20.59
CA PHE B 551 -25.08 -2.90 -21.62
C PHE B 551 -24.20 -3.34 -22.77
N LYS B 552 -24.48 -2.80 -23.96
CA LYS B 552 -23.80 -3.22 -25.16
C LYS B 552 -22.95 -2.10 -25.69
N VAL B 553 -21.77 -2.46 -26.20
CA VAL B 553 -20.88 -1.51 -26.88
C VAL B 553 -20.25 -2.18 -28.11
N LYS B 554 -19.61 -1.39 -28.96
CA LYS B 554 -18.88 -1.92 -30.12
C LYS B 554 -17.43 -2.12 -29.74
N LEU B 555 -16.82 -3.17 -30.29
CA LEU B 555 -15.39 -3.37 -30.13
C LEU B 555 -14.64 -2.09 -30.49
N GLY B 556 -13.72 -1.66 -29.62
CA GLY B 556 -12.93 -0.45 -29.83
C GLY B 556 -13.51 0.84 -29.24
N ASP B 557 -14.75 0.80 -28.76
CA ASP B 557 -15.37 1.98 -28.14
C ASP B 557 -14.57 2.42 -26.93
N GLU B 558 -14.47 3.74 -26.75
CA GLU B 558 -13.95 4.32 -25.52
C GLU B 558 -15.11 4.46 -24.54
N VAL B 559 -15.07 3.63 -23.51
CA VAL B 559 -16.14 3.50 -22.53
C VAL B 559 -15.79 4.21 -21.23
N THR B 560 -16.65 5.13 -20.81
CA THR B 560 -16.52 5.75 -19.50
C THR B 560 -17.69 5.23 -18.66
N VAL B 561 -17.40 4.54 -17.58
CA VAL B 561 -18.44 4.10 -16.62
C VAL B 561 -18.45 5.06 -15.44
N VAL B 562 -19.63 5.59 -15.16
CA VAL B 562 -19.88 6.55 -14.09
C VAL B 562 -20.82 5.87 -13.12
N VAL B 563 -20.39 5.62 -11.89
CA VAL B 563 -21.17 4.92 -10.90
C VAL B 563 -21.45 5.84 -9.72
N THR B 564 -22.71 5.90 -9.35
CA THR B 564 -23.15 6.69 -8.20
C THR B 564 -23.75 5.76 -7.15
N ASN B 565 -23.14 5.74 -5.98
CA ASN B 565 -23.60 4.92 -4.82
C ASN B 565 -24.70 5.65 -4.05
N LEU B 566 -25.91 5.14 -4.14
CA LEU B 566 -27.08 5.76 -3.50
C LEU B 566 -27.42 5.19 -2.14
N ASP B 567 -26.57 4.37 -1.57
CA ASP B 567 -26.79 3.98 -0.18
C ASP B 567 -26.58 5.18 0.74
N GLN B 568 -27.26 5.14 1.89
CA GLN B 568 -27.32 6.26 2.83
C GLN B 568 -26.81 5.89 4.22
N VAL B 569 -26.14 4.76 4.32
CA VAL B 569 -25.58 4.26 5.55
C VAL B 569 -24.07 4.34 5.41
N GLU B 570 -23.43 4.89 6.42
CA GLU B 570 -21.96 5.00 6.39
C GLU B 570 -21.28 3.62 6.27
N ASP B 571 -20.10 3.59 5.65
CA ASP B 571 -19.26 2.38 5.62
C ASP B 571 -19.81 1.42 4.50
N VAL B 572 -20.95 1.72 3.82
CA VAL B 572 -21.45 0.78 2.79
C VAL B 572 -20.79 1.11 1.46
N THR B 573 -19.50 0.79 1.38
CA THR B 573 -18.66 1.12 0.23
C THR B 573 -18.97 0.14 -0.87
N HIS B 574 -19.08 0.63 -2.10
CA HIS B 574 -19.21 -0.25 -3.26
C HIS B 574 -17.92 -0.13 -4.05
N GLY B 575 -17.76 -1.00 -5.03
CA GLY B 575 -16.74 -0.85 -6.06
C GLY B 575 -17.30 -1.14 -7.41
N PHE B 576 -16.51 -0.82 -8.42
CA PHE B 576 -16.82 -1.18 -9.79
C PHE B 576 -15.55 -1.70 -10.42
N CYS B 577 -15.59 -2.94 -10.92
CA CYS B 577 -14.44 -3.56 -11.57
C CYS B 577 -14.90 -4.07 -12.90
N MET B 578 -14.18 -3.75 -13.99
CA MET B 578 -14.41 -4.38 -15.27
C MET B 578 -13.39 -5.51 -15.43
N THR B 579 -13.84 -6.76 -15.41
CA THR B 579 -12.96 -7.92 -15.34
C THR B 579 -12.03 -7.91 -16.55
N ASN B 580 -10.75 -8.16 -16.28
CA ASN B 580 -9.72 -8.32 -17.31
C ASN B 580 -9.32 -7.03 -18.04
N HIS B 581 -9.78 -5.86 -17.60
CA HIS B 581 -9.46 -4.62 -18.23
C HIS B 581 -8.51 -3.75 -17.39
N GLY B 582 -8.10 -4.20 -16.21
CA GLY B 582 -7.23 -3.36 -15.37
C GLY B 582 -7.94 -2.11 -14.88
N VAL B 583 -9.22 -2.25 -14.52
CA VAL B 583 -10.07 -1.17 -14.12
C VAL B 583 -10.80 -1.54 -12.85
N GLN B 584 -10.59 -0.80 -11.77
CA GLN B 584 -11.40 -0.95 -10.55
C GLN B 584 -11.37 0.33 -9.77
N MET B 585 -12.41 0.62 -9.02
CA MET B 585 -12.50 1.86 -8.27
C MET B 585 -13.43 1.71 -7.07
N GLU B 586 -13.19 2.53 -6.07
CA GLU B 586 -14.09 2.66 -4.90
C GLU B 586 -15.25 3.60 -5.29
N VAL B 587 -16.46 3.26 -4.87
CA VAL B 587 -17.62 4.16 -5.01
C VAL B 587 -18.24 4.27 -3.63
N ALA B 588 -17.90 5.36 -2.94
CA ALA B 588 -18.31 5.57 -1.56
C ALA B 588 -19.79 6.00 -1.48
N PRO B 589 -20.45 5.86 -0.28
CA PRO B 589 -21.86 6.26 -0.20
C PRO B 589 -22.06 7.74 -0.54
N GLN B 590 -22.98 7.98 -1.46
CA GLN B 590 -23.31 9.31 -1.98
C GLN B 590 -22.24 9.94 -2.88
N ALA B 591 -21.20 9.18 -3.23
CA ALA B 591 -20.19 9.64 -4.18
C ALA B 591 -20.49 9.18 -5.62
N THR B 592 -19.95 9.91 -6.58
CA THR B 592 -19.87 9.47 -7.96
C THR B 592 -18.39 9.26 -8.28
N ALA B 593 -18.08 8.16 -8.97
CA ALA B 593 -16.73 7.87 -9.44
C ALA B 593 -16.79 7.39 -10.89
N SER B 594 -15.73 7.62 -11.63
CA SER B 594 -15.77 7.26 -13.07
C SER B 594 -14.40 6.82 -13.55
N VAL B 595 -14.44 5.95 -14.55
CA VAL B 595 -13.19 5.45 -15.15
C VAL B 595 -13.44 5.29 -16.65
N THR B 596 -12.40 5.50 -17.43
CA THR B 596 -12.45 5.45 -18.88
C THR B 596 -11.46 4.38 -19.37
N PHE B 597 -11.92 3.49 -20.23
CA PHE B 597 -11.09 2.42 -20.81
C PHE B 597 -11.57 2.11 -22.21
N ILE B 598 -10.72 1.46 -22.98
CA ILE B 598 -11.10 0.99 -24.29
C ILE B 598 -11.66 -0.39 -24.21
N ALA B 599 -12.83 -0.61 -24.82
CA ALA B 599 -13.40 -1.94 -24.95
C ALA B 599 -12.72 -2.70 -26.11
N ASN B 600 -11.48 -3.15 -25.86
CA ASN B 600 -10.67 -3.78 -26.91
C ASN B 600 -10.69 -5.29 -26.88
N LYS B 601 -11.58 -5.86 -26.06
CA LYS B 601 -11.77 -7.30 -25.99
C LYS B 601 -13.21 -7.59 -26.37
N PRO B 602 -13.40 -8.34 -27.46
CA PRO B 602 -14.76 -8.69 -27.87
C PRO B 602 -15.45 -9.64 -26.88
N GLY B 603 -16.77 -9.72 -26.94
CA GLY B 603 -17.53 -10.72 -26.21
C GLY B 603 -18.03 -10.24 -24.86
N VAL B 604 -18.42 -11.20 -24.05
CA VAL B 604 -18.98 -10.94 -22.72
C VAL B 604 -17.85 -10.53 -21.79
N GLN B 605 -17.99 -9.37 -21.15
CA GLN B 605 -16.99 -8.86 -20.20
C GLN B 605 -17.76 -8.47 -18.92
N TRP B 606 -17.63 -9.27 -17.88
CA TRP B 606 -18.36 -9.04 -16.63
C TRP B 606 -17.81 -7.85 -15.87
N TYR B 607 -18.71 -7.02 -15.34
CA TYR B 607 -18.36 -6.02 -14.34
C TYR B 607 -18.97 -6.46 -13.02
N TYR B 608 -18.32 -6.12 -11.94
CA TYR B 608 -18.79 -6.53 -10.61
C TYR B 608 -18.42 -5.55 -9.54
N CYS B 609 -19.10 -5.68 -8.39
CA CYS B 609 -18.81 -4.88 -7.23
C CYS B 609 -17.76 -5.62 -6.45
N ASN B 610 -16.56 -5.09 -6.43
CA ASN B 610 -15.47 -5.86 -5.82
C ASN B 610 -15.46 -5.74 -4.29
N TRP B 611 -16.10 -4.71 -3.71
CA TRP B 611 -16.16 -4.51 -2.27
C TRP B 611 -17.30 -5.33 -1.66
N PHE B 612 -17.11 -5.84 -0.45
CA PHE B 612 -18.06 -6.69 0.21
C PHE B 612 -19.09 -5.81 0.88
N CYS B 613 -20.12 -5.43 0.16
CA CYS B 613 -21.11 -4.41 0.63
C CYS B 613 -22.38 -5.00 1.23
N HIS B 614 -22.56 -6.32 1.11
CA HIS B 614 -23.83 -6.97 1.31
C HIS B 614 -23.62 -8.47 1.22
N ALA B 615 -24.48 -9.22 1.87
CA ALA B 615 -24.41 -10.71 1.81
C ALA B 615 -24.44 -11.24 0.37
N LEU B 616 -25.14 -10.54 -0.52
CA LEU B 616 -25.27 -10.91 -1.93
C LEU B 616 -24.39 -10.08 -2.82
N HIS B 617 -23.23 -9.66 -2.31
CA HIS B 617 -22.31 -8.86 -3.12
CA HIS B 617 -22.27 -8.89 -3.06
C HIS B 617 -21.71 -9.65 -4.30
N MET B 618 -21.51 -10.96 -4.18
CA MET B 618 -20.94 -11.75 -5.29
C MET B 618 -21.85 -11.79 -6.51
N GLU B 619 -23.16 -11.67 -6.25
CA GLU B 619 -24.19 -11.62 -7.28
C GLU B 619 -24.42 -10.19 -7.83
N MET B 620 -23.65 -9.21 -7.35
CA MET B 620 -23.79 -7.81 -7.73
C MET B 620 -22.87 -7.57 -8.92
N ARG B 621 -23.33 -8.04 -10.04
CA ARG B 621 -22.52 -8.05 -11.28
C ARG B 621 -23.39 -8.10 -12.48
N GLY B 622 -22.83 -7.68 -13.64
CA GLY B 622 -23.55 -7.55 -14.90
C GLY B 622 -22.56 -7.66 -16.06
N ARG B 623 -23.08 -7.61 -17.27
CA ARG B 623 -22.27 -7.89 -18.45
C ARG B 623 -22.10 -6.69 -19.35
N MET B 624 -20.85 -6.30 -19.67
CA MET B 624 -20.65 -5.43 -20.81
C MET B 624 -20.57 -6.36 -22.01
N LEU B 625 -21.45 -6.17 -22.97
CA LEU B 625 -21.51 -7.03 -24.14
C LEU B 625 -20.83 -6.33 -25.32
N VAL B 626 -19.64 -6.77 -25.67
CA VAL B 626 -18.83 -6.10 -26.68
C VAL B 626 -19.01 -6.77 -28.04
N GLU B 627 -19.74 -6.09 -28.91
CA GLU B 627 -20.09 -6.66 -30.21
C GLU B 627 -18.92 -6.58 -31.17
N ALA B 628 -18.71 -7.67 -31.91
CA ALA B 628 -17.62 -7.78 -32.92
C ALA B 628 -17.96 -6.92 -34.11
N LEU B 629 -16.92 -6.49 -34.82
CA LEU B 629 -17.05 -5.58 -35.96
C LEU B 629 -17.46 -6.35 -37.23
#